data_5QAX
#
_entry.id   5QAX
#
_cell.length_a   64.196
_cell.length_b   107.848
_cell.length_c   85.150
_cell.angle_alpha   90.000
_cell.angle_beta   103.820
_cell.angle_gamma   90.000
#
_symmetry.space_group_name_H-M   'P 1 21 1'
#
loop_
_entity.id
_entity.type
_entity.pdbx_description
1 polymer Beta-lactamase
2 non-polymer '3-quinolin-6-ylbenzoic acid'
3 non-polymer 'CHLORIDE ION'
4 non-polymer 1,2-ETHANEDIOL
5 water water
#
_entity_poly.entity_id   1
_entity_poly.type   'polypeptide(L)'
_entity_poly.pdbx_seq_one_letter_code
;KEWQENKSWNAHFTEHKSQGVVVLWNENKQQGFTNNLKRANQAFLPASTF(KCX)IPNSLIALDLGVVKDEHQVFKWDGQ
TRDIATWNRDHNLITAMKYSVVPVYQEFARQIGEARMSKMLHAFDYGNEDISGNVDSFWLDGGIRISATEQISFLRKLYH
NKLHVSERSQRIVKQAMLTEANGDYIIRAKTGYSTRIEPKIGWWVGWVELDDNVWFFAMNMDMPTSDGLGLRQAITKEVL
KQEKIIP
;
_entity_poly.pdbx_strand_id   A,B,C,D
#
loop_
_chem_comp.id
_chem_comp.type
_chem_comp.name
_chem_comp.formula
CL non-polymer 'CHLORIDE ION' 'Cl -1'
EDO non-polymer 1,2-ETHANEDIOL 'C2 H6 O2'
Q92 non-polymer '3-quinolin-6-ylbenzoic acid' 'C16 H11 N O2'
#
# COMPACT_ATOMS: atom_id res chain seq x y z
N GLU A 2 0.54 -33.33 -8.88
CA GLU A 2 -0.42 -34.36 -9.27
C GLU A 2 -1.60 -34.38 -8.30
N TRP A 3 -2.73 -34.87 -8.79
CA TRP A 3 -4.00 -34.88 -8.07
C TRP A 3 -4.47 -36.31 -7.85
N GLN A 4 -5.03 -36.57 -6.67
CA GLN A 4 -5.57 -37.88 -6.31
C GLN A 4 -7.03 -37.74 -5.96
N GLU A 5 -7.84 -38.68 -6.43
CA GLU A 5 -9.28 -38.68 -6.20
C GLU A 5 -9.60 -39.70 -5.11
N ASN A 6 -10.22 -39.24 -4.03
CA ASN A 6 -10.56 -40.08 -2.89
C ASN A 6 -12.08 -40.08 -2.74
N LYS A 7 -12.73 -41.04 -3.39
CA LYS A 7 -14.19 -41.11 -3.40
C LYS A 7 -14.77 -41.52 -2.05
N SER A 8 -13.95 -41.96 -1.10
CA SER A 8 -14.48 -42.32 0.22
C SER A 8 -15.15 -41.11 0.88
N TRP A 9 -14.66 -39.90 0.60
CA TRP A 9 -15.27 -38.71 1.18
C TRP A 9 -16.74 -38.58 0.81
N ASN A 10 -17.15 -39.14 -0.33
CA ASN A 10 -18.55 -39.07 -0.72
C ASN A 10 -19.48 -39.53 0.39
N ALA A 11 -18.99 -40.42 1.26
CA ALA A 11 -19.81 -40.87 2.38
C ALA A 11 -20.30 -39.70 3.23
N HIS A 12 -19.45 -38.70 3.43
CA HIS A 12 -19.83 -37.55 4.23
C HIS A 12 -20.93 -36.74 3.54
N PHE A 13 -20.92 -36.69 2.21
CA PHE A 13 -22.01 -36.06 1.47
C PHE A 13 -23.27 -36.92 1.48
N THR A 14 -23.11 -38.22 1.19
CA THR A 14 -24.26 -39.12 1.12
C THR A 14 -25.00 -39.20 2.44
N GLU A 15 -24.28 -39.19 3.56
CA GLU A 15 -24.92 -39.31 4.86
C GLU A 15 -26.01 -38.25 5.04
N HIS A 16 -25.85 -37.09 4.40
CA HIS A 16 -26.84 -36.02 4.50
C HIS A 16 -27.63 -35.88 3.20
N LYS A 17 -27.59 -36.90 2.34
CA LYS A 17 -28.32 -36.85 1.07
C LYS A 17 -27.92 -35.63 0.26
N SER A 18 -26.64 -35.27 0.33
CA SER A 18 -26.13 -34.08 -0.32
C SER A 18 -25.17 -34.47 -1.44
N GLN A 19 -24.94 -33.51 -2.33
CA GLN A 19 -23.97 -33.66 -3.42
C GLN A 19 -23.05 -32.45 -3.41
N GLY A 20 -21.76 -32.68 -3.64
CA GLY A 20 -20.81 -31.59 -3.66
C GLY A 20 -19.40 -32.11 -3.86
N VAL A 21 -18.44 -31.20 -3.68
CA VAL A 21 -17.03 -31.51 -3.85
C VAL A 21 -16.24 -30.86 -2.72
N VAL A 22 -15.21 -31.56 -2.26
CA VAL A 22 -14.19 -31.01 -1.37
C VAL A 22 -12.84 -31.16 -2.04
N VAL A 23 -12.05 -30.09 -2.03
CA VAL A 23 -10.71 -30.08 -2.59
C VAL A 23 -9.74 -29.66 -1.49
N LEU A 24 -8.66 -30.42 -1.32
CA LEU A 24 -7.61 -30.09 -0.36
C LEU A 24 -6.27 -29.97 -1.08
N TRP A 25 -5.40 -29.13 -0.52
CA TRP A 25 -4.05 -28.95 -1.06
C TRP A 25 -3.05 -28.95 0.08
N ASN A 26 -2.15 -29.94 0.08
CA ASN A 26 -1.04 -30.01 1.01
C ASN A 26 0.07 -29.09 0.49
N GLU A 27 0.30 -27.97 1.20
CA GLU A 27 1.25 -26.99 0.71
C GLU A 27 2.67 -27.54 0.74
N ASN A 28 3.05 -28.21 1.82
CA ASN A 28 4.40 -28.76 1.93
C ASN A 28 4.70 -29.73 0.80
N LYS A 29 3.76 -30.62 0.48
CA LYS A 29 4.01 -31.67 -0.50
C LYS A 29 3.52 -31.31 -1.90
N GLN A 30 2.83 -30.19 -2.07
CA GLN A 30 2.35 -29.77 -3.38
C GLN A 30 1.53 -30.86 -4.04
N GLN A 31 0.61 -31.44 -3.27
CA GLN A 31 -0.28 -32.49 -3.74
C GLN A 31 -1.71 -32.13 -3.36
N GLY A 32 -2.63 -32.36 -4.31
CA GLY A 32 -4.03 -32.08 -4.10
C GLY A 32 -4.87 -33.33 -4.00
N PHE A 33 -6.03 -33.22 -3.34
CA PHE A 33 -6.92 -34.35 -3.13
C PHE A 33 -8.36 -33.88 -3.24
N THR A 34 -9.22 -34.73 -3.82
CA THR A 34 -10.62 -34.38 -3.99
C THR A 34 -11.44 -35.65 -4.15
N ASN A 35 -12.73 -35.53 -3.85
CA ASN A 35 -13.66 -36.64 -4.05
C ASN A 35 -14.23 -36.70 -5.46
N ASN A 36 -14.12 -35.63 -6.24
CA ASN A 36 -14.75 -35.57 -7.56
C ASN A 36 -13.93 -34.62 -8.45
N LEU A 37 -13.07 -35.21 -9.28
CA LEU A 37 -12.20 -34.40 -10.13
C LEU A 37 -13.00 -33.52 -11.09
N LYS A 38 -14.13 -34.01 -11.59
CA LYS A 38 -14.88 -33.21 -12.55
C LYS A 38 -15.47 -31.97 -11.89
N ARG A 39 -16.19 -32.14 -10.78
CA ARG A 39 -16.82 -30.99 -10.14
C ARG A 39 -15.79 -30.04 -9.54
N ALA A 40 -14.61 -30.56 -9.15
CA ALA A 40 -13.56 -29.70 -8.65
C ALA A 40 -13.11 -28.68 -9.70
N ASN A 41 -13.28 -28.99 -10.97
CA ASN A 41 -12.88 -28.10 -12.06
C ASN A 41 -14.08 -27.46 -12.75
N GLN A 42 -15.28 -27.63 -12.20
CA GLN A 42 -16.48 -26.94 -12.67
C GLN A 42 -16.59 -25.57 -12.03
N ALA A 43 -16.90 -24.56 -12.84
CA ALA A 43 -16.93 -23.17 -12.39
C ALA A 43 -18.34 -22.75 -11.98
N PHE A 44 -18.44 -22.13 -10.81
CA PHE A 44 -19.71 -21.64 -10.28
C PHE A 44 -19.60 -20.16 -9.94
N LEU A 45 -20.75 -19.54 -9.70
CA LEU A 45 -20.78 -18.20 -9.13
C LEU A 45 -20.02 -18.20 -7.80
N PRO A 46 -19.14 -17.23 -7.55
CA PRO A 46 -18.44 -17.21 -6.25
C PRO A 46 -19.33 -16.78 -5.09
N ALA A 47 -20.37 -15.99 -5.34
CA ALA A 47 -21.26 -15.48 -4.29
C ALA A 47 -20.38 -14.75 -3.27
N SER A 48 -20.62 -14.93 -1.96
CA SER A 48 -19.93 -14.15 -0.93
C SER A 48 -18.47 -14.54 -0.76
N THR A 49 -17.99 -15.62 -1.40
CA THR A 49 -16.55 -15.86 -1.39
C THR A 49 -15.83 -14.78 -2.18
N PHE A 50 -16.55 -14.03 -3.01
CA PHE A 50 -15.96 -12.94 -3.76
C PHE A 50 -15.59 -11.76 -2.85
N KCX A 51 -16.03 -11.81 -1.60
CA KCX A 51 -15.68 -10.74 -0.66
CB KCX A 51 -16.53 -10.86 0.62
CG KCX A 51 -18.01 -10.51 0.41
CD KCX A 51 -18.77 -10.48 1.74
CE KCX A 51 -20.18 -9.91 1.56
NZ KCX A 51 -21.01 -10.80 0.71
C KCX A 51 -14.20 -10.73 -0.33
O KCX A 51 -13.68 -9.77 0.23
CX KCX A 51 -21.17 -10.58 -0.60
OQ1 KCX A 51 -20.65 -9.59 -1.16
OQ2 KCX A 51 -21.86 -11.35 -1.27
N ILE A 52 -13.49 -11.81 -0.67
CA ILE A 52 -12.04 -11.86 -0.47
C ILE A 52 -11.35 -10.89 -1.44
N PRO A 53 -11.51 -11.10 -2.76
CA PRO A 53 -10.91 -10.14 -3.71
C PRO A 53 -11.50 -8.75 -3.61
N ASN A 54 -12.80 -8.63 -3.36
CA ASN A 54 -13.43 -7.33 -3.20
C ASN A 54 -12.79 -6.55 -2.06
N SER A 55 -12.61 -7.20 -0.90
CA SER A 55 -11.91 -6.57 0.22
C SER A 55 -10.50 -6.15 -0.19
N LEU A 56 -9.75 -7.06 -0.81
CA LEU A 56 -8.38 -6.74 -1.22
C LEU A 56 -8.35 -5.49 -2.09
N ILE A 57 -9.26 -5.41 -3.07
CA ILE A 57 -9.24 -4.30 -4.01
C ILE A 57 -9.68 -3.01 -3.33
N ALA A 58 -10.73 -3.09 -2.51
CA ALA A 58 -11.21 -1.89 -1.84
C ALA A 58 -10.15 -1.30 -0.94
N LEU A 59 -9.40 -2.16 -0.24
CA LEU A 59 -8.32 -1.67 0.62
C LEU A 59 -7.20 -1.05 -0.19
N ASP A 60 -6.76 -1.73 -1.25
CA ASP A 60 -5.59 -1.27 -1.98
C ASP A 60 -5.86 0.06 -2.69
N LEU A 61 -7.10 0.30 -3.09
CA LEU A 61 -7.46 1.53 -3.79
C LEU A 61 -7.86 2.66 -2.84
N GLY A 62 -7.90 2.41 -1.54
CA GLY A 62 -8.31 3.42 -0.58
C GLY A 62 -9.80 3.57 -0.41
N VAL A 63 -10.61 2.76 -1.08
CA VAL A 63 -12.05 2.77 -0.83
C VAL A 63 -12.33 2.46 0.63
N VAL A 64 -11.57 1.55 1.23
CA VAL A 64 -11.64 1.26 2.65
C VAL A 64 -10.31 1.71 3.26
N LYS A 65 -10.38 2.56 4.27
CA LYS A 65 -9.16 3.06 4.91
C LYS A 65 -8.47 1.97 5.71
N ASP A 66 -9.20 1.29 6.60
CA ASP A 66 -8.65 0.22 7.41
C ASP A 66 -9.81 -0.64 7.92
N GLU A 67 -9.48 -1.63 8.75
CA GLU A 67 -10.48 -2.58 9.23
C GLU A 67 -11.38 -2.01 10.33
N HIS A 68 -11.18 -0.76 10.73
CA HIS A 68 -12.02 -0.12 11.74
C HIS A 68 -13.06 0.83 11.15
N GLN A 69 -12.82 1.36 9.95
CA GLN A 69 -13.75 2.28 9.33
C GLN A 69 -15.16 1.72 9.35
N VAL A 70 -16.11 2.52 9.83
CA VAL A 70 -17.49 2.10 10.00
C VAL A 70 -18.26 2.40 8.72
N PHE A 71 -19.05 1.43 8.27
CA PHE A 71 -19.94 1.59 7.13
C PHE A 71 -21.37 1.59 7.68
N LYS A 72 -22.02 2.74 7.67
CA LYS A 72 -23.28 2.91 8.36
C LYS A 72 -24.42 2.17 7.66
N TRP A 73 -25.31 1.60 8.46
CA TRP A 73 -26.53 1.02 7.94
C TRP A 73 -27.36 2.10 7.24
N ASP A 74 -27.86 1.79 6.05
CA ASP A 74 -28.65 2.75 5.29
C ASP A 74 -30.09 2.86 5.76
N GLY A 75 -30.48 2.17 6.83
CA GLY A 75 -31.82 2.30 7.37
C GLY A 75 -32.87 1.47 6.68
N GLN A 76 -32.57 0.93 5.50
CA GLN A 76 -33.51 0.05 4.82
C GLN A 76 -33.43 -1.33 5.45
N THR A 77 -34.55 -1.81 5.97
CA THR A 77 -34.59 -3.08 6.69
C THR A 77 -34.61 -4.25 5.72
N ARG A 78 -33.64 -5.14 5.86
CA ARG A 78 -33.53 -6.36 5.09
C ARG A 78 -33.78 -7.55 6.00
N ASP A 79 -34.14 -8.69 5.41
CA ASP A 79 -34.64 -9.82 6.20
C ASP A 79 -33.55 -10.62 6.89
N ILE A 80 -32.29 -10.19 6.82
CA ILE A 80 -31.20 -10.77 7.59
C ILE A 80 -30.89 -9.81 8.73
N ALA A 81 -31.16 -10.26 9.96
CA ALA A 81 -31.10 -9.36 11.12
C ALA A 81 -29.74 -8.69 11.23
N THR A 82 -28.66 -9.46 11.07
CA THR A 82 -27.32 -8.93 11.27
C THR A 82 -26.94 -7.87 10.24
N TRP A 83 -27.67 -7.76 9.13
CA TRP A 83 -27.36 -6.73 8.14
C TRP A 83 -27.91 -5.36 8.50
N ASN A 84 -28.84 -5.28 9.45
CA ASN A 84 -29.50 -4.03 9.78
C ASN A 84 -28.79 -3.33 10.94
N ARG A 85 -27.51 -3.01 10.70
CA ARG A 85 -26.68 -2.36 11.69
C ARG A 85 -25.39 -1.89 11.02
N ASP A 86 -24.63 -1.09 11.75
CA ASP A 86 -23.34 -0.64 11.27
C ASP A 86 -22.34 -1.80 11.27
N HIS A 87 -21.36 -1.72 10.38
CA HIS A 87 -20.35 -2.75 10.26
C HIS A 87 -19.01 -2.12 9.93
N ASN A 88 -17.95 -2.86 10.22
CA ASN A 88 -16.62 -2.60 9.68
C ASN A 88 -16.25 -3.78 8.79
N LEU A 89 -15.01 -3.79 8.31
CA LEU A 89 -14.57 -4.86 7.41
C LEU A 89 -14.64 -6.22 8.08
N ILE A 90 -14.27 -6.29 9.37
CA ILE A 90 -14.30 -7.57 10.07
C ILE A 90 -15.72 -8.11 10.12
N THR A 91 -16.67 -7.30 10.60
CA THR A 91 -18.03 -7.78 10.80
C THR A 91 -18.77 -7.97 9.49
N ALA A 92 -18.53 -7.08 8.51
CA ALA A 92 -19.15 -7.27 7.21
C ALA A 92 -18.74 -8.61 6.60
N MET A 93 -17.49 -9.01 6.78
N MET A 93 -17.47 -8.98 6.75
CA MET A 93 -17.06 -10.31 6.27
CA MET A 93 -17.02 -10.30 6.31
C MET A 93 -17.69 -11.44 7.08
C MET A 93 -17.71 -11.41 7.08
N LYS A 94 -17.63 -11.34 8.41
CA LYS A 94 -18.20 -12.38 9.27
C LYS A 94 -19.65 -12.66 8.93
N TYR A 95 -20.45 -11.61 8.71
CA TYR A 95 -21.87 -11.75 8.46
C TYR A 95 -22.24 -11.65 6.98
N SER A 96 -21.26 -11.66 6.08
CA SER A 96 -21.50 -11.69 4.64
C SER A 96 -22.50 -10.60 4.23
N VAL A 97 -22.21 -9.37 4.64
CA VAL A 97 -23.14 -8.27 4.48
C VAL A 97 -23.09 -7.74 3.05
N VAL A 98 -23.90 -8.34 2.17
CA VAL A 98 -23.89 -7.98 0.75
C VAL A 98 -23.96 -6.47 0.54
N PRO A 99 -24.92 -5.74 1.09
CA PRO A 99 -25.07 -4.33 0.71
C PRO A 99 -23.85 -3.48 0.99
N VAL A 100 -23.09 -3.80 2.05
CA VAL A 100 -21.84 -3.08 2.28
C VAL A 100 -20.88 -3.29 1.11
N TYR A 101 -20.77 -4.53 0.64
CA TYR A 101 -19.83 -4.83 -0.43
C TYR A 101 -20.33 -4.38 -1.80
N GLN A 102 -21.65 -4.27 -1.99
CA GLN A 102 -22.14 -3.66 -3.21
C GLN A 102 -21.71 -2.19 -3.30
N GLU A 103 -21.63 -1.51 -2.15
CA GLU A 103 -21.15 -0.14 -2.14
C GLU A 103 -19.64 -0.09 -2.40
N PHE A 104 -18.88 -1.03 -1.83
CA PHE A 104 -17.47 -1.14 -2.17
C PHE A 104 -17.28 -1.25 -3.68
N ALA A 105 -18.08 -2.12 -4.32
CA ALA A 105 -17.92 -2.38 -5.74
C ALA A 105 -18.21 -1.13 -6.58
N ARG A 106 -19.28 -0.40 -6.26
CA ARG A 106 -19.61 0.80 -7.01
C ARG A 106 -18.48 1.82 -6.93
N GLN A 107 -17.84 1.94 -5.78
CA GLN A 107 -16.74 2.90 -5.65
C GLN A 107 -15.50 2.42 -6.37
N ILE A 108 -15.30 1.10 -6.46
CA ILE A 108 -14.19 0.57 -7.25
C ILE A 108 -14.41 0.90 -8.72
N GLY A 109 -15.58 0.56 -9.26
CA GLY A 109 -15.86 0.82 -10.67
C GLY A 109 -15.49 -0.36 -11.53
N GLU A 110 -16.21 -0.49 -12.65
CA GLU A 110 -15.98 -1.62 -13.56
C GLU A 110 -14.52 -1.68 -14.01
N ALA A 111 -13.97 -0.56 -14.49
CA ALA A 111 -12.67 -0.59 -15.13
C ALA A 111 -11.60 -1.07 -14.15
N ARG A 112 -11.58 -0.50 -12.95
CA ARG A 112 -10.58 -0.92 -11.97
C ARG A 112 -10.86 -2.33 -11.46
N MET A 113 -12.13 -2.67 -11.25
CA MET A 113 -12.49 -4.02 -10.83
C MET A 113 -12.01 -5.03 -11.85
N SER A 114 -12.29 -4.79 -13.13
CA SER A 114 -11.91 -5.73 -14.18
C SER A 114 -10.40 -5.89 -14.26
N LYS A 115 -9.66 -4.76 -14.24
CA LYS A 115 -8.21 -4.84 -14.31
C LYS A 115 -7.65 -5.61 -13.12
N MET A 116 -8.21 -5.41 -11.93
CA MET A 116 -7.67 -6.05 -10.74
C MET A 116 -7.91 -7.56 -10.77
N LEU A 117 -9.09 -7.99 -11.20
CA LEU A 117 -9.38 -9.42 -11.25
C LEU A 117 -8.54 -10.11 -12.31
N HIS A 118 -8.19 -9.41 -13.39
CA HIS A 118 -7.26 -9.97 -14.36
C HIS A 118 -5.87 -10.10 -13.78
N ALA A 119 -5.40 -9.09 -13.05
CA ALA A 119 -4.12 -9.20 -12.36
C ALA A 119 -4.13 -10.32 -11.35
N PHE A 120 -5.26 -10.56 -10.69
CA PHE A 120 -5.40 -11.69 -9.76
C PHE A 120 -5.56 -13.01 -10.47
N ASP A 121 -5.80 -13.01 -11.78
CA ASP A 121 -6.09 -14.23 -12.53
C ASP A 121 -7.26 -14.98 -11.89
N TYR A 122 -8.28 -14.21 -11.48
CA TYR A 122 -9.36 -14.72 -10.64
C TYR A 122 -10.50 -15.19 -11.55
N GLY A 123 -10.77 -16.50 -11.53
CA GLY A 123 -11.88 -17.04 -12.30
C GLY A 123 -11.78 -16.69 -13.77
N ASN A 124 -12.94 -16.48 -14.39
CA ASN A 124 -13.00 -16.11 -15.79
C ASN A 124 -12.78 -14.61 -16.02
N GLU A 125 -12.56 -13.83 -14.97
CA GLU A 125 -12.19 -12.43 -15.08
C GLU A 125 -13.27 -11.62 -15.77
N ASP A 126 -14.49 -12.13 -15.82
CA ASP A 126 -15.58 -11.53 -16.56
C ASP A 126 -16.54 -10.91 -15.56
N ILE A 127 -16.60 -9.59 -15.52
CA ILE A 127 -17.55 -8.88 -14.68
C ILE A 127 -18.71 -8.37 -15.51
N SER A 128 -18.91 -8.92 -16.72
CA SER A 128 -20.05 -8.54 -17.53
C SER A 128 -21.30 -8.64 -16.68
N GLY A 129 -22.14 -7.62 -16.78
CA GLY A 129 -23.24 -7.49 -15.88
C GLY A 129 -23.08 -6.27 -15.01
N ASN A 130 -23.73 -6.32 -13.86
CA ASN A 130 -23.71 -5.22 -12.92
C ASN A 130 -22.41 -5.23 -12.13
N VAL A 131 -21.74 -4.08 -12.08
CA VAL A 131 -20.47 -3.99 -11.34
C VAL A 131 -20.66 -4.38 -9.88
N ASP A 132 -21.85 -4.16 -9.33
CA ASP A 132 -22.11 -4.33 -7.92
C ASP A 132 -22.81 -5.64 -7.57
N SER A 133 -22.99 -6.53 -8.54
CA SER A 133 -23.70 -7.77 -8.25
C SER A 133 -23.27 -8.90 -9.16
N PHE A 134 -22.22 -8.72 -9.97
CA PHE A 134 -21.86 -9.74 -10.94
C PHE A 134 -21.50 -11.05 -10.24
N TRP A 135 -20.99 -10.98 -9.00
CA TRP A 135 -20.66 -12.20 -8.25
C TRP A 135 -21.89 -12.91 -7.69
N LEU A 136 -23.06 -12.30 -7.78
CA LEU A 136 -24.32 -12.91 -7.33
C LEU A 136 -25.24 -13.31 -8.48
N ASP A 137 -25.25 -12.54 -9.57
CA ASP A 137 -26.12 -12.86 -10.69
C ASP A 137 -25.49 -12.47 -12.04
N GLY A 138 -24.19 -12.22 -12.09
CA GLY A 138 -23.50 -11.85 -13.31
C GLY A 138 -22.79 -13.02 -13.94
N GLY A 139 -21.69 -12.71 -14.63
CA GLY A 139 -21.03 -13.70 -15.44
C GLY A 139 -19.72 -14.24 -14.91
N ILE A 140 -19.30 -13.82 -13.72
CA ILE A 140 -18.04 -14.31 -13.17
C ILE A 140 -18.27 -15.70 -12.59
N ARG A 141 -17.37 -16.63 -12.91
CA ARG A 141 -17.46 -18.02 -12.48
C ARG A 141 -16.07 -18.44 -12.00
N ILE A 142 -16.04 -19.36 -11.04
CA ILE A 142 -14.77 -19.84 -10.50
C ILE A 142 -14.98 -21.25 -9.94
N SER A 143 -13.99 -22.11 -10.16
CA SER A 143 -14.03 -23.48 -9.68
C SER A 143 -13.29 -23.61 -8.36
N ALA A 144 -13.45 -24.77 -7.72
CA ALA A 144 -12.78 -25.01 -6.44
C ALA A 144 -11.26 -24.96 -6.59
N THR A 145 -10.72 -25.63 -7.61
CA THR A 145 -9.28 -25.63 -7.79
C THR A 145 -8.76 -24.23 -8.07
N GLU A 146 -9.55 -23.41 -8.78
CA GLU A 146 -9.15 -22.03 -9.01
C GLU A 146 -9.20 -21.21 -7.72
N GLN A 147 -10.16 -21.51 -6.83
CA GLN A 147 -10.17 -20.85 -5.53
C GLN A 147 -8.89 -21.11 -4.77
N ILE A 148 -8.43 -22.37 -4.77
CA ILE A 148 -7.21 -22.71 -4.05
C ILE A 148 -6.01 -21.95 -4.62
N SER A 149 -5.88 -21.94 -5.95
CA SER A 149 -4.76 -21.22 -6.56
C SER A 149 -4.77 -19.75 -6.17
N PHE A 150 -5.94 -19.12 -6.14
CA PHE A 150 -6.03 -17.73 -5.69
C PHE A 150 -5.67 -17.61 -4.20
N LEU A 151 -6.21 -18.50 -3.38
CA LEU A 151 -5.92 -18.44 -1.95
C LEU A 151 -4.44 -18.61 -1.67
N ARG A 152 -3.78 -19.50 -2.41
CA ARG A 152 -2.35 -19.73 -2.20
C ARG A 152 -1.55 -18.46 -2.45
N LYS A 153 -1.92 -17.68 -3.47
CA LYS A 153 -1.24 -16.42 -3.70
C LYS A 153 -1.44 -15.46 -2.53
N LEU A 154 -2.67 -15.37 -2.02
CA LEU A 154 -2.96 -14.50 -0.90
C LEU A 154 -2.14 -14.90 0.33
N TYR A 155 -2.09 -16.20 0.63
CA TYR A 155 -1.33 -16.63 1.79
C TYR A 155 0.12 -16.20 1.71
N HIS A 156 0.71 -16.30 0.52
CA HIS A 156 2.13 -15.97 0.33
C HIS A 156 2.34 -14.49 -0.01
N ASN A 157 1.30 -13.67 0.07
CA ASN A 157 1.41 -12.24 -0.21
C ASN A 157 1.92 -11.98 -1.63
N LYS A 158 1.54 -12.84 -2.58
CA LYS A 158 2.02 -12.75 -3.95
C LYS A 158 1.04 -12.06 -4.88
N LEU A 159 -0.15 -11.73 -4.41
CA LEU A 159 -1.11 -11.00 -5.23
C LEU A 159 -0.59 -9.59 -5.50
N HIS A 160 -1.07 -9.01 -6.60
CA HIS A 160 -0.58 -7.71 -7.06
C HIS A 160 -1.34 -6.57 -6.38
N VAL A 161 -1.30 -6.61 -5.05
CA VAL A 161 -1.71 -5.51 -4.19
C VAL A 161 -0.68 -5.42 -3.07
N SER A 162 -0.77 -4.37 -2.26
CA SER A 162 0.21 -4.18 -1.20
C SER A 162 0.15 -5.34 -0.20
N GLU A 163 1.29 -5.59 0.45
CA GLU A 163 1.33 -6.55 1.55
C GLU A 163 0.32 -6.18 2.63
N ARG A 164 0.18 -4.88 2.91
CA ARG A 164 -0.75 -4.44 3.94
C ARG A 164 -2.18 -4.88 3.63
N SER A 165 -2.64 -4.64 2.39
CA SER A 165 -3.99 -5.05 2.02
C SER A 165 -4.20 -6.55 2.24
N GLN A 166 -3.18 -7.35 1.91
CA GLN A 166 -3.32 -8.79 2.04
C GLN A 166 -3.31 -9.24 3.50
N ARG A 167 -2.57 -8.57 4.36
CA ARG A 167 -2.60 -8.92 5.77
C ARG A 167 -3.94 -8.57 6.40
N ILE A 168 -4.53 -7.43 6.02
CA ILE A 168 -5.80 -7.03 6.61
C ILE A 168 -6.89 -8.01 6.21
N VAL A 169 -6.93 -8.42 4.95
CA VAL A 169 -7.97 -9.33 4.49
C VAL A 169 -7.82 -10.69 5.16
N LYS A 170 -6.58 -11.17 5.31
CA LYS A 170 -6.37 -12.44 5.98
C LYS A 170 -6.78 -12.37 7.45
N GLN A 171 -6.60 -11.21 8.09
CA GLN A 171 -7.16 -11.02 9.43
C GLN A 171 -8.68 -11.14 9.40
N ALA A 172 -9.32 -10.49 8.43
CA ALA A 172 -10.77 -10.48 8.34
C ALA A 172 -11.35 -11.85 8.04
N MET A 173 -10.57 -12.74 7.42
CA MET A 173 -10.99 -14.10 7.12
C MET A 173 -10.94 -15.02 8.33
N LEU A 174 -10.40 -14.56 9.46
CA LEU A 174 -10.24 -15.41 10.64
C LEU A 174 -11.59 -15.95 11.07
N THR A 175 -11.70 -17.28 11.11
CA THR A 175 -12.94 -17.98 11.43
C THR A 175 -12.83 -18.78 12.72
N GLU A 176 -11.74 -19.51 12.92
CA GLU A 176 -11.63 -20.37 14.09
C GLU A 176 -10.16 -20.54 14.43
N ALA A 177 -9.87 -20.63 15.72
CA ALA A 177 -8.51 -20.82 16.17
C ALA A 177 -8.53 -21.46 17.55
N ASN A 178 -7.59 -22.36 17.77
CA ASN A 178 -7.38 -22.99 19.07
C ASN A 178 -5.94 -23.48 19.12
N GLY A 179 -5.63 -24.32 20.11
CA GLY A 179 -4.29 -24.86 20.22
C GLY A 179 -3.92 -25.87 19.15
N ASP A 180 -4.89 -26.32 18.36
CA ASP A 180 -4.65 -27.35 17.36
C ASP A 180 -4.54 -26.79 15.94
N TYR A 181 -5.24 -25.71 15.63
CA TYR A 181 -5.23 -25.20 14.26
C TYR A 181 -5.81 -23.80 14.21
N ILE A 182 -5.57 -23.12 13.10
CA ILE A 182 -6.22 -21.86 12.76
C ILE A 182 -6.89 -22.04 11.41
N ILE A 183 -8.13 -21.58 11.29
CA ILE A 183 -8.85 -21.59 10.01
C ILE A 183 -9.12 -20.15 9.61
N ARG A 184 -8.69 -19.80 8.40
CA ARG A 184 -9.07 -18.56 7.73
C ARG A 184 -9.86 -18.95 6.50
N ALA A 185 -11.08 -18.45 6.39
CA ALA A 185 -11.99 -18.96 5.36
C ALA A 185 -13.10 -17.96 5.09
N LYS A 186 -13.91 -18.28 4.09
CA LYS A 186 -15.05 -17.44 3.74
C LYS A 186 -16.15 -18.32 3.16
N THR A 187 -17.37 -18.12 3.64
CA THR A 187 -18.52 -18.87 3.17
C THR A 187 -19.15 -18.19 1.97
N GLY A 188 -19.99 -18.95 1.27
CA GLY A 188 -20.74 -18.41 0.13
C GLY A 188 -22.05 -19.14 -0.04
N TYR A 189 -23.05 -18.41 -0.54
CA TYR A 189 -24.39 -18.95 -0.73
C TYR A 189 -24.98 -18.32 -2.00
N SER A 190 -25.08 -19.10 -3.07
CA SER A 190 -25.56 -18.62 -4.36
C SER A 190 -26.98 -19.13 -4.59
N THR A 191 -27.92 -18.20 -4.77
CA THR A 191 -29.34 -18.55 -4.91
C THR A 191 -30.04 -17.94 -6.12
N ARG A 192 -29.42 -16.98 -6.81
CA ARG A 192 -30.09 -16.27 -7.89
C ARG A 192 -29.95 -16.95 -9.24
N ILE A 193 -29.07 -17.93 -9.37
CA ILE A 193 -28.91 -18.67 -10.61
C ILE A 193 -28.68 -20.13 -10.27
N GLU A 194 -29.26 -21.01 -11.09
CA GLU A 194 -29.12 -22.44 -10.84
C GLU A 194 -27.74 -22.94 -11.29
N PRO A 195 -27.19 -23.95 -10.62
CA PRO A 195 -27.75 -24.60 -9.42
C PRO A 195 -27.44 -23.82 -8.15
N LYS A 196 -28.40 -23.75 -7.23
CA LYS A 196 -28.14 -23.15 -5.93
C LYS A 196 -27.10 -23.98 -5.17
N ILE A 197 -26.09 -23.32 -4.61
CA ILE A 197 -24.97 -23.99 -3.97
C ILE A 197 -24.49 -23.20 -2.77
N GLY A 198 -23.75 -23.88 -1.89
CA GLY A 198 -23.02 -23.26 -0.82
C GLY A 198 -21.53 -23.42 -1.04
N TRP A 199 -20.76 -22.43 -0.61
CA TRP A 199 -19.31 -22.45 -0.67
C TRP A 199 -18.71 -22.48 0.74
N TRP A 200 -17.51 -23.05 0.85
CA TRP A 200 -16.60 -22.71 1.94
C TRP A 200 -15.19 -22.88 1.43
N VAL A 201 -14.41 -21.80 1.49
CA VAL A 201 -13.05 -21.79 0.95
C VAL A 201 -12.13 -21.13 1.96
N GLY A 202 -10.91 -21.64 2.06
CA GLY A 202 -9.92 -21.08 2.97
C GLY A 202 -8.74 -21.99 3.14
N TRP A 203 -8.17 -22.03 4.34
CA TRP A 203 -7.05 -22.93 4.60
C TRP A 203 -6.95 -23.19 6.09
N VAL A 204 -6.20 -24.24 6.42
CA VAL A 204 -5.97 -24.66 7.81
C VAL A 204 -4.48 -24.49 8.10
N GLU A 205 -4.16 -23.63 9.06
CA GLU A 205 -2.78 -23.41 9.47
C GLU A 205 -2.41 -24.37 10.59
N LEU A 206 -1.31 -25.09 10.41
CA LEU A 206 -0.72 -25.94 11.43
C LEU A 206 0.65 -25.41 11.80
N ASP A 207 1.23 -26.02 12.84
CA ASP A 207 2.55 -25.61 13.29
C ASP A 207 3.55 -25.61 12.13
N ASP A 208 3.50 -26.62 11.26
CA ASP A 208 4.53 -26.81 10.24
C ASP A 208 3.95 -27.17 8.87
N ASN A 209 2.71 -26.81 8.60
CA ASN A 209 2.12 -27.03 7.28
C ASN A 209 0.87 -26.16 7.16
N VAL A 210 0.38 -26.05 5.93
CA VAL A 210 -0.90 -25.39 5.64
C VAL A 210 -1.68 -26.28 4.69
N TRP A 211 -2.95 -26.49 5.00
CA TRP A 211 -3.87 -27.24 4.17
C TRP A 211 -4.90 -26.26 3.63
N PHE A 212 -4.82 -25.97 2.33
CA PHE A 212 -5.84 -25.17 1.67
C PHE A 212 -7.03 -26.05 1.31
N PHE A 213 -8.22 -25.45 1.33
CA PHE A 213 -9.42 -26.20 0.99
C PHE A 213 -10.42 -25.30 0.29
N ALA A 214 -11.24 -25.93 -0.56
CA ALA A 214 -12.37 -25.28 -1.20
C ALA A 214 -13.43 -26.33 -1.46
N MET A 215 -14.65 -26.06 -1.00
CA MET A 215 -15.77 -26.96 -1.20
C MET A 215 -16.99 -26.17 -1.66
N ASN A 216 -17.79 -26.81 -2.51
CA ASN A 216 -19.14 -26.35 -2.77
C ASN A 216 -20.07 -27.55 -2.80
N MET A 217 -21.36 -27.29 -2.60
CA MET A 217 -22.35 -28.35 -2.48
C MET A 217 -23.70 -27.81 -2.89
N ASP A 218 -24.53 -28.69 -3.45
CA ASP A 218 -25.89 -28.31 -3.79
C ASP A 218 -26.63 -27.84 -2.55
N MET A 219 -27.34 -26.72 -2.68
CA MET A 219 -28.00 -26.07 -1.55
C MET A 219 -29.40 -25.65 -1.96
N PRO A 220 -30.31 -26.61 -2.15
CA PRO A 220 -31.68 -26.25 -2.57
C PRO A 220 -32.43 -25.42 -1.56
N THR A 221 -32.08 -25.52 -0.27
CA THR A 221 -32.72 -24.77 0.79
C THR A 221 -31.65 -24.26 1.75
N SER A 222 -31.96 -23.14 2.40
CA SER A 222 -31.07 -22.57 3.41
C SER A 222 -30.88 -23.49 4.61
N ASP A 223 -31.62 -24.59 4.71
CA ASP A 223 -31.56 -25.43 5.90
C ASP A 223 -30.25 -26.19 6.02
N GLY A 224 -29.55 -26.44 4.92
CA GLY A 224 -28.32 -27.20 4.94
C GLY A 224 -27.05 -26.39 4.99
N LEU A 225 -27.13 -25.09 5.29
CA LEU A 225 -25.95 -24.24 5.24
C LEU A 225 -24.91 -24.70 6.26
N GLY A 226 -25.34 -25.14 7.44
CA GLY A 226 -24.40 -25.65 8.42
C GLY A 226 -23.59 -26.83 7.92
N LEU A 227 -24.04 -27.49 6.86
CA LEU A 227 -23.34 -28.65 6.31
C LEU A 227 -22.06 -28.26 5.56
N ARG A 228 -21.96 -27.01 5.09
CA ARG A 228 -20.74 -26.59 4.42
C ARG A 228 -19.54 -26.83 5.32
N GLN A 229 -19.65 -26.42 6.59
CA GLN A 229 -18.57 -26.60 7.54
C GLN A 229 -18.55 -28.01 8.11
N ALA A 230 -19.73 -28.59 8.36
CA ALA A 230 -19.77 -29.94 8.93
C ALA A 230 -19.07 -30.94 8.03
N ILE A 231 -19.40 -30.95 6.74
CA ILE A 231 -18.81 -31.93 5.82
C ILE A 231 -17.31 -31.68 5.67
N THR A 232 -16.89 -30.42 5.56
CA THR A 232 -15.47 -30.13 5.42
C THR A 232 -14.68 -30.63 6.62
N LYS A 233 -15.22 -30.46 7.82
CA LYS A 233 -14.49 -30.89 9.01
C LYS A 233 -14.44 -32.40 9.14
N GLU A 234 -15.49 -33.09 8.68
CA GLU A 234 -15.43 -34.55 8.65
C GLU A 234 -14.33 -35.03 7.72
N VAL A 235 -14.17 -34.37 6.58
CA VAL A 235 -13.07 -34.70 5.67
C VAL A 235 -11.74 -34.41 6.33
N LEU A 236 -11.63 -33.25 6.98
CA LEU A 236 -10.39 -32.89 7.66
C LEU A 236 -10.07 -33.87 8.78
N LYS A 237 -11.08 -34.30 9.52
CA LYS A 237 -10.86 -35.30 10.57
C LYS A 237 -10.40 -36.62 9.97
N GLN A 238 -11.10 -37.10 8.94
CA GLN A 238 -10.73 -38.36 8.30
C GLN A 238 -9.27 -38.34 7.86
N GLU A 239 -8.81 -37.22 7.31
CA GLU A 239 -7.43 -37.11 6.85
C GLU A 239 -6.46 -36.74 7.96
N LYS A 240 -6.91 -36.75 9.22
CA LYS A 240 -6.04 -36.50 10.37
C LYS A 240 -5.45 -35.09 10.34
N ILE A 241 -6.17 -34.15 9.71
CA ILE A 241 -5.70 -32.77 9.68
C ILE A 241 -6.08 -32.04 10.96
N ILE A 242 -7.28 -32.30 11.48
CA ILE A 242 -7.70 -31.75 12.77
C ILE A 242 -8.14 -32.89 13.66
N PRO A 243 -8.09 -32.71 15.00
CA PRO A 243 -8.50 -33.76 15.95
C PRO A 243 -9.99 -34.11 15.88
N GLU B 2 -14.26 5.59 37.03
CA GLU B 2 -13.33 5.12 36.02
C GLU B 2 -12.88 3.69 36.33
N TRP B 3 -12.56 3.45 37.59
CA TRP B 3 -12.11 2.14 38.07
C TRP B 3 -13.08 1.61 39.11
N GLN B 4 -13.40 0.33 38.99
CA GLN B 4 -14.32 -0.33 39.91
C GLN B 4 -13.66 -1.60 40.45
N GLU B 5 -13.79 -1.83 41.75
CA GLU B 5 -13.24 -3.00 42.39
C GLU B 5 -14.35 -4.00 42.67
N ASN B 6 -14.22 -5.21 42.11
CA ASN B 6 -15.21 -6.27 42.27
C ASN B 6 -14.52 -7.46 42.95
N LYS B 7 -14.56 -7.48 44.29
CA LYS B 7 -13.89 -8.51 45.06
C LYS B 7 -14.56 -9.88 44.93
N SER B 8 -15.75 -9.95 44.33
CA SER B 8 -16.41 -11.24 44.16
C SER B 8 -15.58 -12.20 43.32
N TRP B 9 -14.78 -11.68 42.38
CA TRP B 9 -13.95 -12.54 41.55
C TRP B 9 -12.99 -13.39 42.38
N ASN B 10 -12.59 -12.90 43.56
CA ASN B 10 -11.63 -13.64 44.39
C ASN B 10 -12.06 -15.08 44.62
N ALA B 11 -13.36 -15.35 44.58
CA ALA B 11 -13.83 -16.72 44.76
C ALA B 11 -13.21 -17.65 43.72
N HIS B 12 -13.02 -17.16 42.50
CA HIS B 12 -12.44 -18.01 41.47
C HIS B 12 -10.99 -18.37 41.76
N PHE B 13 -10.27 -17.49 42.46
CA PHE B 13 -8.93 -17.82 42.92
C PHE B 13 -8.99 -18.75 44.13
N THR B 14 -9.85 -18.44 45.11
CA THR B 14 -9.98 -19.27 46.30
C THR B 14 -10.42 -20.68 45.92
N GLU B 15 -11.23 -20.82 44.88
CA GLU B 15 -11.71 -22.13 44.43
C GLU B 15 -10.57 -23.10 44.25
N HIS B 16 -9.40 -22.60 43.85
CA HIS B 16 -8.23 -23.43 43.61
C HIS B 16 -7.13 -23.17 44.64
N LYS B 17 -7.47 -22.59 45.78
CA LYS B 17 -6.50 -22.26 46.81
C LYS B 17 -5.39 -21.38 46.23
N SER B 18 -5.77 -20.48 45.33
CA SER B 18 -4.85 -19.59 44.65
C SER B 18 -5.12 -18.15 45.03
N GLN B 19 -4.11 -17.30 44.78
CA GLN B 19 -4.24 -15.86 44.92
C GLN B 19 -3.76 -15.20 43.65
N GLY B 20 -4.41 -14.13 43.25
CA GLY B 20 -4.01 -13.42 42.06
C GLY B 20 -4.92 -12.24 41.82
N VAL B 21 -4.75 -11.62 40.64
CA VAL B 21 -5.53 -10.46 40.26
C VAL B 21 -5.91 -10.60 38.78
N VAL B 22 -7.12 -10.17 38.46
CA VAL B 22 -7.57 -10.00 37.09
C VAL B 22 -7.92 -8.54 36.90
N VAL B 23 -7.47 -7.95 35.80
CA VAL B 23 -7.76 -6.57 35.46
C VAL B 23 -8.42 -6.53 34.08
N LEU B 24 -9.54 -5.84 33.98
CA LEU B 24 -10.25 -5.68 32.72
C LEU B 24 -10.37 -4.20 32.39
N TRP B 25 -10.37 -3.90 31.08
CA TRP B 25 -10.56 -2.54 30.61
C TRP B 25 -11.57 -2.58 29.46
N ASN B 26 -12.73 -1.96 29.68
CA ASN B 26 -13.74 -1.79 28.64
C ASN B 26 -13.31 -0.62 27.75
N GLU B 27 -12.88 -0.93 26.52
CA GLU B 27 -12.34 0.11 25.66
C GLU B 27 -13.42 1.11 25.27
N ASN B 28 -14.62 0.64 24.93
CA ASN B 28 -15.68 1.56 24.52
C ASN B 28 -16.02 2.57 25.62
N LYS B 29 -16.12 2.10 26.87
CA LYS B 29 -16.54 2.96 27.97
C LYS B 29 -15.37 3.54 28.76
N GLN B 30 -14.14 3.14 28.45
CA GLN B 30 -12.97 3.67 29.16
C GLN B 30 -13.12 3.48 30.67
N GLN B 31 -13.49 2.25 31.05
CA GLN B 31 -13.70 1.90 32.43
C GLN B 31 -12.90 0.66 32.75
N GLY B 32 -12.25 0.64 33.91
CA GLY B 32 -11.45 -0.48 34.36
C GLY B 32 -12.13 -1.23 35.49
N PHE B 33 -11.82 -2.52 35.60
CA PHE B 33 -12.40 -3.38 36.61
C PHE B 33 -11.34 -4.35 37.09
N THR B 34 -11.32 -4.63 38.39
CA THR B 34 -10.37 -5.56 38.97
C THR B 34 -10.88 -6.03 40.32
N ASN B 35 -10.37 -7.18 40.75
CA ASN B 35 -10.69 -7.71 42.07
C ASN B 35 -9.77 -7.16 43.16
N ASN B 36 -8.65 -6.54 42.79
CA ASN B 36 -7.65 -6.13 43.77
C ASN B 36 -6.91 -4.93 43.20
N LEU B 37 -7.31 -3.73 43.65
CA LEU B 37 -6.72 -2.50 43.12
C LEU B 37 -5.23 -2.42 43.39
N LYS B 38 -4.79 -2.89 44.56
CA LYS B 38 -3.37 -2.81 44.90
C LYS B 38 -2.54 -3.74 44.03
N ARG B 39 -2.92 -5.02 43.95
CA ARG B 39 -2.11 -5.97 43.20
C ARG B 39 -2.16 -5.68 41.70
N ALA B 40 -3.22 -5.05 41.22
CA ALA B 40 -3.25 -4.64 39.82
C ALA B 40 -2.12 -3.67 39.50
N ASN B 41 -1.60 -2.97 40.51
CA ASN B 41 -0.51 -2.02 40.33
C ASN B 41 0.81 -2.54 40.89
N GLN B 42 0.88 -3.80 41.30
CA GLN B 42 2.15 -4.38 41.72
C GLN B 42 2.92 -4.81 40.49
N ALA B 43 4.19 -4.43 40.43
CA ALA B 43 5.01 -4.69 39.25
C ALA B 43 5.83 -5.95 39.48
N PHE B 44 5.80 -6.85 38.50
CA PHE B 44 6.55 -8.10 38.52
C PHE B 44 7.41 -8.19 37.27
N LEU B 45 8.31 -9.16 37.27
CA LEU B 45 9.01 -9.52 36.05
C LEU B 45 7.98 -9.88 34.98
N PRO B 46 8.13 -9.38 33.74
CA PRO B 46 7.16 -9.75 32.70
C PRO B 46 7.29 -11.20 32.26
N ALA B 47 8.47 -11.80 32.41
CA ALA B 47 8.73 -13.18 31.98
C ALA B 47 8.38 -13.29 30.50
N SER B 48 7.72 -14.36 30.07
CA SER B 48 7.51 -14.60 28.65
C SER B 48 6.51 -13.63 28.03
N THR B 49 5.78 -12.83 28.83
CA THR B 49 4.97 -11.79 28.21
C THR B 49 5.84 -10.75 27.54
N PHE B 50 7.13 -10.69 27.87
CA PHE B 50 8.04 -9.74 27.25
C PHE B 50 8.28 -10.09 25.80
N KCX B 51 7.86 -11.28 25.39
CA KCX B 51 8.02 -11.69 24.00
CB KCX B 51 7.63 -13.16 23.81
CG KCX B 51 8.63 -14.14 24.43
CD KCX B 51 8.32 -15.58 24.08
CE KCX B 51 9.47 -16.50 24.50
NZ KCX B 51 9.64 -16.51 25.97
C KCX B 51 7.21 -10.79 23.05
O KCX B 51 7.51 -10.72 21.87
CX KCX B 51 10.52 -15.69 26.56
OQ1 KCX B 51 11.20 -14.92 25.87
OQ2 KCX B 51 10.66 -15.73 27.80
N ILE B 52 6.21 -10.08 23.59
CA ILE B 52 5.43 -9.15 22.78
C ILE B 52 6.30 -7.97 22.34
N PRO B 53 6.83 -7.19 23.29
CA PRO B 53 7.72 -6.09 22.88
C PRO B 53 9.00 -6.57 22.21
N ASN B 54 9.55 -7.71 22.66
CA ASN B 54 10.74 -8.26 22.04
C ASN B 54 10.48 -8.54 20.56
N SER B 55 9.34 -9.15 20.24
CA SER B 55 8.98 -9.40 18.84
C SER B 55 8.88 -8.10 18.05
N LEU B 56 8.18 -7.10 18.58
CA LEU B 56 8.02 -5.83 17.89
C LEU B 56 9.37 -5.23 17.53
N ILE B 57 10.32 -5.29 18.45
CA ILE B 57 11.62 -4.65 18.26
C ILE B 57 12.44 -5.43 17.24
N ALA B 58 12.42 -6.76 17.33
CA ALA B 58 13.17 -7.58 16.41
C ALA B 58 12.68 -7.38 14.97
N LEU B 59 11.36 -7.32 14.78
CA LEU B 59 10.80 -7.13 13.44
C LEU B 59 11.16 -5.77 12.89
N ASP B 60 10.96 -4.70 13.68
CA ASP B 60 11.16 -3.36 13.18
C ASP B 60 12.62 -3.08 12.85
N LEU B 61 13.55 -3.76 13.52
CA LEU B 61 14.97 -3.59 13.30
C LEU B 61 15.51 -4.51 12.21
N GLY B 62 14.69 -5.39 11.66
CA GLY B 62 15.15 -6.34 10.66
C GLY B 62 15.83 -7.57 11.23
N VAL B 63 15.92 -7.70 12.57
CA VAL B 63 16.43 -8.94 13.15
C VAL B 63 15.58 -10.14 12.75
N VAL B 64 14.26 -9.94 12.68
CA VAL B 64 13.33 -10.94 12.16
C VAL B 64 12.76 -10.40 10.86
N LYS B 65 12.90 -11.20 9.81
CA LYS B 65 12.47 -10.82 8.47
C LYS B 65 10.95 -10.74 8.41
N ASP B 66 10.29 -11.83 8.76
CA ASP B 66 8.84 -11.93 8.75
C ASP B 66 8.42 -13.10 9.62
N GLU B 67 7.13 -13.41 9.63
CA GLU B 67 6.60 -14.46 10.50
C GLU B 67 6.92 -15.87 9.98
N HIS B 68 7.57 -15.99 8.82
CA HIS B 68 7.93 -17.28 8.26
C HIS B 68 9.40 -17.64 8.45
N GLN B 69 10.27 -16.66 8.66
CA GLN B 69 11.69 -16.93 8.84
C GLN B 69 11.88 -18.03 9.89
N VAL B 70 12.69 -19.01 9.56
CA VAL B 70 12.89 -20.16 10.44
C VAL B 70 14.07 -19.87 11.36
N PHE B 71 13.87 -20.12 12.65
CA PHE B 71 14.93 -19.99 13.64
C PHE B 71 15.31 -21.41 14.02
N LYS B 72 16.50 -21.80 13.58
CA LYS B 72 16.91 -23.19 13.62
C LYS B 72 17.28 -23.61 15.04
N TRP B 73 16.91 -24.84 15.40
CA TRP B 73 17.30 -25.40 16.68
C TRP B 73 18.82 -25.44 16.78
N ASP B 74 19.34 -25.00 17.93
CA ASP B 74 20.79 -24.97 18.12
C ASP B 74 21.35 -26.34 18.52
N GLY B 75 20.52 -27.38 18.54
CA GLY B 75 20.97 -28.72 18.82
C GLY B 75 21.11 -29.10 20.28
N GLN B 76 21.06 -28.13 21.20
CA GLN B 76 21.13 -28.41 22.63
C GLN B 76 19.76 -28.84 23.13
N THR B 77 19.68 -30.02 23.73
CA THR B 77 18.42 -30.59 24.21
C THR B 77 18.03 -29.95 25.54
N ARG B 78 16.83 -29.34 25.57
CA ARG B 78 16.28 -28.75 26.78
C ARG B 78 15.03 -29.52 27.21
N ASP B 79 14.66 -29.37 28.49
CA ASP B 79 13.65 -30.24 29.07
C ASP B 79 12.22 -29.85 28.70
N ILE B 80 12.02 -28.84 27.85
CA ILE B 80 10.71 -28.56 27.27
C ILE B 80 10.76 -29.06 25.83
N ALA B 81 9.99 -30.11 25.55
CA ALA B 81 10.12 -30.82 24.27
C ALA B 81 9.91 -29.91 23.08
N THR B 82 8.89 -29.06 23.13
CA THR B 82 8.56 -28.22 21.99
C THR B 82 9.66 -27.22 21.64
N TRP B 83 10.63 -27.02 22.54
CA TRP B 83 11.75 -26.13 22.27
C TRP B 83 12.83 -26.79 21.43
N ASN B 84 12.85 -28.11 21.35
CA ASN B 84 13.93 -28.84 20.68
C ASN B 84 13.57 -29.11 19.21
N ARG B 85 13.33 -28.02 18.49
CA ARG B 85 12.95 -28.10 17.09
C ARG B 85 13.03 -26.71 16.49
N ASP B 86 12.90 -26.64 15.17
CA ASP B 86 12.88 -25.36 14.47
C ASP B 86 11.59 -24.61 14.77
N HIS B 87 11.66 -23.29 14.69
CA HIS B 87 10.52 -22.43 14.96
C HIS B 87 10.53 -21.24 14.01
N ASN B 88 9.35 -20.66 13.82
CA ASN B 88 9.21 -19.33 13.26
C ASN B 88 8.58 -18.46 14.36
N LEU B 89 8.23 -17.22 14.00
CA LEU B 89 7.70 -16.30 15.00
C LEU B 89 6.40 -16.81 15.58
N ILE B 90 5.53 -17.39 14.74
CA ILE B 90 4.24 -17.85 15.22
C ILE B 90 4.42 -18.95 16.27
N THR B 91 5.21 -19.97 15.94
CA THR B 91 5.37 -21.11 16.84
C THR B 91 6.24 -20.77 18.04
N ALA B 92 7.25 -19.91 17.85
CA ALA B 92 8.04 -19.47 18.99
C ALA B 92 7.18 -18.79 20.03
N MET B 93 6.25 -17.93 19.60
N MET B 93 6.27 -17.91 19.60
CA MET B 93 5.34 -17.29 20.55
CA MET B 93 5.32 -17.28 20.51
C MET B 93 4.37 -18.30 21.15
C MET B 93 4.42 -18.32 21.15
N LYS B 94 3.85 -19.22 20.33
CA LYS B 94 2.91 -20.21 20.83
C LYS B 94 3.53 -21.05 21.94
N TYR B 95 4.77 -21.50 21.76
CA TYR B 95 5.43 -22.39 22.70
C TYR B 95 6.42 -21.67 23.62
N SER B 96 6.42 -20.34 23.63
CA SER B 96 7.27 -19.56 24.54
C SER B 96 8.71 -20.03 24.48
N VAL B 97 9.27 -20.02 23.28
CA VAL B 97 10.59 -20.59 23.07
C VAL B 97 11.64 -19.57 23.51
N VAL B 98 11.98 -19.61 24.80
CA VAL B 98 12.94 -18.66 25.36
C VAL B 98 14.21 -18.56 24.52
N PRO B 99 14.91 -19.66 24.20
CA PRO B 99 16.22 -19.51 23.52
C PRO B 99 16.13 -18.77 22.20
N VAL B 100 15.02 -18.87 21.47
CA VAL B 100 14.86 -18.08 20.25
C VAL B 100 14.91 -16.60 20.59
N TYR B 101 14.19 -16.18 21.63
CA TYR B 101 14.10 -14.77 21.96
C TYR B 101 15.35 -14.25 22.67
N GLN B 102 16.07 -15.12 23.38
CA GLN B 102 17.38 -14.72 23.90
C GLN B 102 18.32 -14.33 22.77
N GLU B 103 18.21 -15.01 21.63
CA GLU B 103 19.04 -14.66 20.47
C GLU B 103 18.59 -13.33 19.86
N PHE B 104 17.28 -13.09 19.81
CA PHE B 104 16.80 -11.77 19.37
C PHE B 104 17.45 -10.66 20.19
N ALA B 105 17.48 -10.82 21.50
CA ALA B 105 17.98 -9.76 22.37
C ALA B 105 19.46 -9.50 22.11
N ARG B 106 20.25 -10.57 21.94
CA ARG B 106 21.67 -10.37 21.68
C ARG B 106 21.89 -9.59 20.39
N GLN B 107 21.07 -9.85 19.37
CA GLN B 107 21.19 -9.12 18.12
C GLN B 107 20.61 -7.71 18.23
N ILE B 108 19.59 -7.52 19.07
CA ILE B 108 19.07 -6.17 19.29
C ILE B 108 20.12 -5.31 19.97
N GLY B 109 20.67 -5.80 21.07
CA GLY B 109 21.70 -5.05 21.80
C GLY B 109 21.14 -4.20 22.92
N GLU B 110 21.98 -3.96 23.93
CA GLU B 110 21.57 -3.20 25.10
C GLU B 110 21.02 -1.82 24.71
N ALA B 111 21.78 -1.07 23.92
CA ALA B 111 21.41 0.31 23.66
C ALA B 111 20.08 0.40 22.93
N ARG B 112 19.89 -0.41 21.90
CA ARG B 112 18.66 -0.35 21.14
C ARG B 112 17.47 -0.87 21.95
N MET B 113 17.67 -1.94 22.71
CA MET B 113 16.60 -2.46 23.56
C MET B 113 16.13 -1.39 24.55
N SER B 114 17.07 -0.74 25.24
CA SER B 114 16.71 0.26 26.24
C SER B 114 15.96 1.42 25.60
N LYS B 115 16.46 1.94 24.48
CA LYS B 115 15.78 3.05 23.82
C LYS B 115 14.36 2.67 23.42
N MET B 116 14.16 1.45 22.93
CA MET B 116 12.84 1.05 22.48
C MET B 116 11.86 0.91 23.64
N LEU B 117 12.30 0.33 24.75
CA LEU B 117 11.40 0.17 25.90
C LEU B 117 11.04 1.51 26.51
N HIS B 118 11.93 2.50 26.43
CA HIS B 118 11.54 3.85 26.83
C HIS B 118 10.50 4.43 25.87
N ALA B 119 10.70 4.22 24.56
CA ALA B 119 9.72 4.68 23.59
C ALA B 119 8.36 4.02 23.81
N PHE B 120 8.35 2.74 24.22
CA PHE B 120 7.10 2.06 24.51
C PHE B 120 6.48 2.47 25.85
N ASP B 121 7.22 3.22 26.69
CA ASP B 121 6.75 3.53 28.03
C ASP B 121 6.42 2.25 28.81
N TYR B 122 7.29 1.26 28.66
CA TYR B 122 7.00 -0.11 29.09
C TYR B 122 7.51 -0.32 30.52
N GLY B 123 6.60 -0.54 31.45
CA GLY B 123 6.98 -0.85 32.82
C GLY B 123 7.90 0.19 33.41
N ASN B 124 8.87 -0.27 34.19
CA ASN B 124 9.87 0.63 34.76
C ASN B 124 11.04 0.88 33.81
N GLU B 125 11.00 0.33 32.59
CA GLU B 125 11.95 0.63 31.53
C GLU B 125 13.38 0.25 31.92
N ASP B 126 13.55 -0.66 32.86
CA ASP B 126 14.84 -1.00 33.43
C ASP B 126 15.28 -2.36 32.90
N ILE B 127 16.33 -2.37 32.08
CA ILE B 127 16.87 -3.62 31.55
C ILE B 127 18.16 -4.02 32.28
N SER B 128 18.42 -3.46 33.45
CA SER B 128 19.63 -3.79 34.19
C SER B 128 19.74 -5.31 34.32
N GLY B 129 20.96 -5.81 34.14
CA GLY B 129 21.15 -7.24 34.13
C GLY B 129 21.64 -7.72 32.77
N ASN B 130 21.39 -8.99 32.50
CA ASN B 130 21.82 -9.59 31.24
C ASN B 130 20.85 -9.25 30.13
N VAL B 131 21.38 -8.76 29.00
CA VAL B 131 20.54 -8.37 27.87
C VAL B 131 19.69 -9.54 27.41
N ASP B 132 20.14 -10.76 27.65
CA ASP B 132 19.51 -11.96 27.11
C ASP B 132 18.56 -12.65 28.07
N SER B 133 18.33 -12.08 29.26
CA SER B 133 17.46 -12.74 30.21
C SER B 133 16.87 -11.75 31.21
N PHE B 134 17.04 -10.45 30.97
CA PHE B 134 16.64 -9.47 31.98
C PHE B 134 15.15 -9.56 32.27
N TRP B 135 14.35 -9.98 31.28
CA TRP B 135 12.92 -10.19 31.49
C TRP B 135 12.64 -11.45 32.30
N LEU B 136 13.66 -12.28 32.55
CA LEU B 136 13.53 -13.48 33.37
C LEU B 136 14.21 -13.39 34.73
N ASP B 137 15.35 -12.68 34.82
CA ASP B 137 16.03 -12.57 36.11
C ASP B 137 16.74 -11.24 36.29
N GLY B 138 16.38 -10.21 35.52
CA GLY B 138 16.96 -8.89 35.66
C GLY B 138 16.08 -7.97 36.47
N GLY B 139 16.16 -6.68 36.17
CA GLY B 139 15.53 -5.66 36.98
C GLY B 139 14.27 -5.06 36.39
N ILE B 140 13.78 -5.57 35.26
CA ILE B 140 12.59 -5.02 34.63
C ILE B 140 11.36 -5.51 35.39
N ARG B 141 10.42 -4.59 35.64
CA ARG B 141 9.19 -4.88 36.36
C ARG B 141 8.02 -4.21 35.64
N ILE B 142 6.87 -4.86 35.67
CA ILE B 142 5.67 -4.34 35.02
C ILE B 142 4.44 -4.87 35.75
N SER B 143 3.45 -4.00 35.92
CA SER B 143 2.19 -4.35 36.58
C SER B 143 1.12 -4.69 35.54
N ALA B 144 0.01 -5.25 36.04
CA ALA B 144 -1.09 -5.61 35.16
C ALA B 144 -1.65 -4.39 34.45
N THR B 145 -1.88 -3.30 35.19
CA THR B 145 -2.39 -2.09 34.57
C THR B 145 -1.39 -1.53 33.56
N GLU B 146 -0.10 -1.67 33.84
CA GLU B 146 0.90 -1.24 32.88
C GLU B 146 0.90 -2.13 31.65
N GLN B 147 0.61 -3.43 31.81
CA GLN B 147 0.44 -4.31 30.66
C GLN B 147 -0.68 -3.81 29.76
N ILE B 148 -1.84 -3.51 30.35
CA ILE B 148 -2.99 -3.07 29.56
C ILE B 148 -2.67 -1.79 28.81
N SER B 149 -2.06 -0.82 29.50
CA SER B 149 -1.69 0.43 28.85
C SER B 149 -0.82 0.16 27.63
N PHE B 150 0.13 -0.77 27.75
CA PHE B 150 0.98 -1.13 26.63
C PHE B 150 0.18 -1.83 25.54
N LEU B 151 -0.67 -2.79 25.93
CA LEU B 151 -1.45 -3.52 24.93
C LEU B 151 -2.38 -2.60 24.16
N ARG B 152 -2.98 -1.63 24.85
CA ARG B 152 -3.90 -0.72 24.17
C ARG B 152 -3.20 0.05 23.05
N LYS B 153 -1.96 0.45 23.27
CA LYS B 153 -1.20 1.12 22.22
C LYS B 153 -0.94 0.19 21.05
N LEU B 154 -0.60 -1.07 21.34
CA LEU B 154 -0.38 -2.04 20.28
C LEU B 154 -1.65 -2.25 19.45
N TYR B 155 -2.81 -2.38 20.11
CA TYR B 155 -4.06 -2.61 19.40
C TYR B 155 -4.35 -1.49 18.40
N HIS B 156 -4.08 -0.25 18.80
CA HIS B 156 -4.37 0.90 17.96
C HIS B 156 -3.22 1.28 17.04
N ASN B 157 -2.18 0.45 16.96
CA ASN B 157 -1.03 0.70 16.10
C ASN B 157 -0.33 2.01 16.43
N LYS B 158 -0.30 2.37 17.72
CA LYS B 158 0.26 3.64 18.16
C LYS B 158 1.67 3.53 18.72
N LEU B 159 2.22 2.32 18.85
CA LEU B 159 3.59 2.19 19.31
C LEU B 159 4.54 2.76 18.27
N HIS B 160 5.73 3.16 18.73
CA HIS B 160 6.70 3.83 17.87
C HIS B 160 7.52 2.80 17.09
N VAL B 161 6.79 1.93 16.37
CA VAL B 161 7.34 1.04 15.37
C VAL B 161 6.36 1.04 14.20
N SER B 162 6.76 0.42 13.10
CA SER B 162 5.94 0.44 11.89
C SER B 162 4.60 -0.25 12.14
N GLU B 163 3.59 0.15 11.36
CA GLU B 163 2.31 -0.55 11.39
C GLU B 163 2.48 -2.03 11.11
N ARG B 164 3.33 -2.37 10.14
CA ARG B 164 3.54 -3.78 9.78
C ARG B 164 4.03 -4.58 10.97
N SER B 165 5.04 -4.08 11.69
CA SER B 165 5.57 -4.79 12.84
C SER B 165 4.46 -5.10 13.84
N GLN B 166 3.59 -4.14 14.09
CA GLN B 166 2.53 -4.35 15.09
C GLN B 166 1.48 -5.33 14.59
N ARG B 167 1.20 -5.35 13.28
CA ARG B 167 0.24 -6.30 12.74
C ARG B 167 0.76 -7.73 12.81
N ILE B 168 2.05 -7.93 12.53
CA ILE B 168 2.63 -9.27 12.57
C ILE B 168 2.62 -9.82 13.99
N VAL B 169 2.96 -8.98 14.97
CA VAL B 169 2.99 -9.43 16.36
C VAL B 169 1.58 -9.74 16.84
N LYS B 170 0.59 -8.94 16.43
CA LYS B 170 -0.79 -9.23 16.80
C LYS B 170 -1.28 -10.52 16.16
N GLN B 171 -0.81 -10.82 14.95
CA GLN B 171 -1.07 -12.13 14.35
C GLN B 171 -0.46 -13.25 15.20
N ALA B 172 0.81 -13.07 15.62
CA ALA B 172 1.48 -14.10 16.39
C ALA B 172 0.85 -14.32 17.76
N MET B 173 0.15 -13.31 18.30
CA MET B 173 -0.54 -13.42 19.58
C MET B 173 -1.87 -14.15 19.48
N LEU B 174 -2.34 -14.49 18.27
CA LEU B 174 -3.63 -15.14 18.15
C LEU B 174 -3.63 -16.44 18.95
N THR B 175 -4.57 -16.55 19.89
CA THR B 175 -4.68 -17.70 20.77
C THR B 175 -5.98 -18.47 20.57
N GLU B 176 -7.10 -17.80 20.41
CA GLU B 176 -8.39 -18.48 20.32
C GLU B 176 -9.35 -17.62 19.50
N ALA B 177 -10.23 -18.28 18.75
CA ALA B 177 -11.23 -17.58 17.96
C ALA B 177 -12.40 -18.51 17.67
N ASN B 178 -13.60 -17.94 17.70
CA ASN B 178 -14.81 -18.64 17.31
C ASN B 178 -15.84 -17.59 16.91
N GLY B 179 -17.10 -18.02 16.75
CA GLY B 179 -18.14 -17.10 16.35
C GLY B 179 -18.52 -16.06 17.39
N ASP B 180 -18.06 -16.22 18.63
CA ASP B 180 -18.40 -15.30 19.71
C ASP B 180 -17.30 -14.32 20.06
N TYR B 181 -16.03 -14.68 19.88
CA TYR B 181 -14.96 -13.80 20.32
C TYR B 181 -13.63 -14.24 19.71
N ILE B 182 -12.67 -13.32 19.74
CA ILE B 182 -11.28 -13.58 19.39
C ILE B 182 -10.42 -13.18 20.58
N ILE B 183 -9.45 -14.03 20.93
CA ILE B 183 -8.50 -13.73 22.00
C ILE B 183 -7.11 -13.66 21.40
N ARG B 184 -6.44 -12.53 21.61
CA ARG B 184 -5.01 -12.38 21.34
C ARG B 184 -4.33 -12.11 22.68
N ALA B 185 -3.36 -12.93 23.03
CA ALA B 185 -2.79 -12.88 24.38
C ALA B 185 -1.42 -13.54 24.37
N LYS B 186 -0.76 -13.47 25.52
CA LYS B 186 0.55 -14.09 25.70
C LYS B 186 0.69 -14.50 27.17
N THR B 187 1.17 -15.73 27.38
CA THR B 187 1.39 -16.25 28.72
C THR B 187 2.77 -15.88 29.24
N GLY B 188 2.92 -15.98 30.56
CA GLY B 188 4.20 -15.74 31.21
C GLY B 188 4.31 -16.58 32.46
N TYR B 189 5.55 -16.96 32.78
CA TYR B 189 5.83 -17.83 33.92
C TYR B 189 7.17 -17.41 34.52
N SER B 190 7.13 -16.78 35.68
CA SER B 190 8.33 -16.26 36.33
C SER B 190 8.74 -17.18 37.47
N THR B 191 9.95 -17.73 37.39
CA THR B 191 10.44 -18.68 38.37
C THR B 191 11.81 -18.37 38.94
N ARG B 192 12.56 -17.43 38.36
CA ARG B 192 13.92 -17.18 38.81
C ARG B 192 14.02 -16.15 39.92
N ILE B 193 12.93 -15.43 40.21
CA ILE B 193 12.91 -14.48 41.31
C ILE B 193 11.56 -14.58 41.99
N GLU B 194 11.56 -14.47 43.31
CA GLU B 194 10.33 -14.59 44.07
C GLU B 194 9.54 -13.27 44.02
N PRO B 195 8.21 -13.34 44.07
CA PRO B 195 7.40 -14.57 44.11
C PRO B 195 7.18 -15.17 42.72
N LYS B 196 7.20 -16.48 42.62
CA LYS B 196 6.87 -17.15 41.37
C LYS B 196 5.42 -16.89 41.01
N ILE B 197 5.18 -16.49 39.76
CA ILE B 197 3.85 -16.08 39.32
C ILE B 197 3.64 -16.54 37.88
N GLY B 198 2.37 -16.60 37.50
CA GLY B 198 1.99 -16.81 36.11
C GLY B 198 1.28 -15.57 35.58
N TRP B 199 1.48 -15.29 34.30
CA TRP B 199 0.83 -14.18 33.61
C TRP B 199 -0.13 -14.72 32.56
N TRP B 200 -1.16 -13.92 32.27
CA TRP B 200 -1.88 -14.00 31.01
C TRP B 200 -2.37 -12.59 30.72
N VAL B 201 -1.96 -12.05 29.57
CA VAL B 201 -2.29 -10.69 29.19
C VAL B 201 -2.67 -10.67 27.72
N GLY B 202 -3.65 -9.84 27.38
CA GLY B 202 -4.11 -9.71 26.01
C GLY B 202 -5.42 -8.96 25.92
N TRP B 203 -6.28 -9.37 24.99
CA TRP B 203 -7.58 -8.74 24.88
C TRP B 203 -8.55 -9.68 24.19
N VAL B 204 -9.84 -9.37 24.35
CA VAL B 204 -10.91 -10.13 23.75
C VAL B 204 -11.62 -9.22 22.75
N GLU B 205 -11.64 -9.62 21.49
CA GLU B 205 -12.32 -8.86 20.45
C GLU B 205 -13.76 -9.32 20.32
N LEU B 206 -14.70 -8.39 20.37
CA LEU B 206 -16.11 -8.63 20.10
C LEU B 206 -16.52 -7.88 18.84
N ASP B 207 -17.76 -8.14 18.39
CA ASP B 207 -18.26 -7.47 17.20
C ASP B 207 -18.12 -5.96 17.32
N ASP B 208 -18.40 -5.40 18.49
CA ASP B 208 -18.47 -3.95 18.64
C ASP B 208 -17.79 -3.44 19.90
N ASN B 209 -16.83 -4.19 20.44
CA ASN B 209 -16.09 -3.72 21.61
C ASN B 209 -14.83 -4.56 21.75
N VAL B 210 -13.91 -4.07 22.56
CA VAL B 210 -12.69 -4.79 22.90
C VAL B 210 -12.51 -4.74 24.40
N TRP B 211 -12.23 -5.89 25.01
CA TRP B 211 -11.95 -6.00 26.43
C TRP B 211 -10.49 -6.39 26.57
N PHE B 212 -9.67 -5.46 27.04
CA PHE B 212 -8.29 -5.76 27.37
C PHE B 212 -8.24 -6.42 28.75
N PHE B 213 -7.29 -7.32 28.93
CA PHE B 213 -7.17 -8.00 30.21
C PHE B 213 -5.70 -8.24 30.54
N ALA B 214 -5.41 -8.27 31.83
CA ALA B 214 -4.09 -8.65 32.33
C ALA B 214 -4.26 -9.28 33.69
N MET B 215 -3.74 -10.50 33.85
CA MET B 215 -3.88 -11.23 35.10
C MET B 215 -2.53 -11.80 35.50
N ASN B 216 -2.29 -11.85 36.80
CA ASN B 216 -1.21 -12.65 37.35
C ASN B 216 -1.72 -13.35 38.61
N MET B 217 -1.04 -14.43 38.96
CA MET B 217 -1.46 -15.27 40.08
C MET B 217 -0.24 -15.99 40.64
N ASP B 218 -0.30 -16.27 41.94
CA ASP B 218 0.78 -17.03 42.57
C ASP B 218 0.92 -18.39 41.90
N MET B 219 2.16 -18.78 41.60
CA MET B 219 2.44 -20.01 40.87
C MET B 219 3.60 -20.72 41.54
N PRO B 220 3.39 -21.24 42.74
CA PRO B 220 4.48 -21.97 43.43
C PRO B 220 4.90 -23.24 42.70
N THR B 221 4.02 -23.82 41.88
CA THR B 221 4.33 -25.02 41.11
C THR B 221 3.82 -24.86 39.70
N SER B 222 4.48 -25.55 38.76
CA SER B 222 4.02 -25.58 37.38
C SER B 222 2.67 -26.27 37.23
N ASP B 223 2.13 -26.87 38.29
CA ASP B 223 0.88 -27.63 38.18
C ASP B 223 -0.33 -26.73 37.98
N GLY B 224 -0.25 -25.47 38.38
CA GLY B 224 -1.39 -24.57 38.26
C GLY B 224 -1.38 -23.70 37.02
N LEU B 225 -0.53 -24.00 36.04
CA LEU B 225 -0.40 -23.12 34.88
C LEU B 225 -1.71 -23.00 34.12
N GLY B 226 -2.45 -24.11 34.00
CA GLY B 226 -3.73 -24.07 33.33
C GLY B 226 -4.72 -23.13 33.96
N LEU B 227 -4.51 -22.77 35.23
CA LEU B 227 -5.45 -21.89 35.92
C LEU B 227 -5.37 -20.46 35.44
N ARG B 228 -4.25 -20.05 34.83
CA ARG B 228 -4.18 -18.69 34.29
C ARG B 228 -5.32 -18.43 33.33
N GLN B 229 -5.56 -19.35 32.39
CA GLN B 229 -6.64 -19.17 31.42
C GLN B 229 -7.99 -19.55 31.99
N ALA B 230 -8.04 -20.64 32.77
CA ALA B 230 -9.31 -21.08 33.33
C ALA B 230 -9.95 -19.98 34.18
N ILE B 231 -9.18 -19.40 35.10
CA ILE B 231 -9.72 -18.38 36.00
C ILE B 231 -10.10 -17.13 35.22
N THR B 232 -9.25 -16.71 34.27
CA THR B 232 -9.58 -15.52 33.48
C THR B 232 -10.91 -15.70 32.76
N LYS B 233 -11.15 -16.91 32.23
CA LYS B 233 -12.39 -17.16 31.50
C LYS B 233 -13.60 -17.22 32.44
N GLU B 234 -13.42 -17.69 33.68
CA GLU B 234 -14.51 -17.63 34.63
C GLU B 234 -14.95 -16.20 34.89
N VAL B 235 -13.99 -15.28 35.01
CA VAL B 235 -14.32 -13.88 35.19
C VAL B 235 -15.03 -13.34 33.95
N LEU B 236 -14.54 -13.70 32.77
CA LEU B 236 -15.17 -13.22 31.53
C LEU B 236 -16.59 -13.73 31.41
N LYS B 237 -16.84 -14.98 31.80
CA LYS B 237 -18.20 -15.50 31.80
C LYS B 237 -19.09 -14.74 32.78
N GLN B 238 -18.60 -14.57 34.01
CA GLN B 238 -19.38 -13.87 35.03
C GLN B 238 -19.78 -12.48 34.56
N GLU B 239 -18.88 -11.78 33.90
CA GLU B 239 -19.16 -10.43 33.41
C GLU B 239 -19.88 -10.43 32.06
N LYS B 240 -20.32 -11.59 31.57
CA LYS B 240 -21.11 -11.69 30.35
C LYS B 240 -20.32 -11.22 29.12
N ILE B 241 -19.00 -11.32 29.18
CA ILE B 241 -18.16 -10.95 28.05
C ILE B 241 -18.08 -12.09 27.04
N ILE B 242 -17.98 -13.33 27.52
CA ILE B 242 -18.05 -14.51 26.67
C ILE B 242 -19.15 -15.40 27.21
N PRO B 243 -19.75 -16.26 26.37
CA PRO B 243 -20.81 -17.16 26.85
C PRO B 243 -20.28 -18.18 27.86
N GLU C 2 32.56 -3.20 -12.58
CA GLU C 2 31.44 -2.30 -12.37
C GLU C 2 30.10 -3.04 -12.45
N TRP C 3 30.15 -4.33 -12.79
CA TRP C 3 28.95 -5.13 -12.99
C TRP C 3 28.93 -6.34 -12.05
N GLN C 4 27.76 -6.61 -11.48
CA GLN C 4 27.54 -7.74 -10.60
C GLN C 4 26.36 -8.56 -11.10
N GLU C 5 26.49 -9.89 -11.06
CA GLU C 5 25.42 -10.78 -11.49
C GLU C 5 24.74 -11.39 -10.28
N ASN C 6 23.43 -11.17 -10.17
CA ASN C 6 22.61 -11.68 -9.06
C ASN C 6 21.55 -12.61 -9.65
N LYS C 7 21.89 -13.90 -9.73
CA LYS C 7 20.98 -14.87 -10.34
C LYS C 7 19.75 -15.15 -9.48
N SER C 8 19.71 -14.66 -8.24
CA SER C 8 18.52 -14.88 -7.42
C SER C 8 17.28 -14.26 -8.04
N TRP C 9 17.44 -13.16 -8.80
CA TRP C 9 16.29 -12.53 -9.45
C TRP C 9 15.58 -13.50 -10.39
N ASN C 10 16.31 -14.48 -10.94
CA ASN C 10 15.70 -15.42 -11.88
C ASN C 10 14.44 -16.04 -11.28
N ALA C 11 14.35 -16.13 -9.96
CA ALA C 11 13.15 -16.67 -9.33
C ALA C 11 11.92 -15.88 -9.73
N HIS C 12 12.04 -14.56 -9.84
CA HIS C 12 10.89 -13.75 -10.22
C HIS C 12 10.44 -14.02 -11.64
N PHE C 13 11.39 -14.35 -12.53
CA PHE C 13 11.02 -14.79 -13.88
C PHE C 13 10.42 -16.18 -13.86
N THR C 14 11.05 -17.10 -13.12
CA THR C 14 10.56 -18.48 -13.06
C THR C 14 9.14 -18.55 -12.53
N GLU C 15 8.81 -17.69 -11.56
CA GLU C 15 7.48 -17.72 -10.94
C GLU C 15 6.37 -17.68 -11.98
N HIS C 16 6.61 -17.03 -13.12
CA HIS C 16 5.62 -16.89 -14.18
C HIS C 16 5.94 -17.72 -15.42
N LYS C 17 6.79 -18.74 -15.29
CA LYS C 17 7.24 -19.53 -16.44
C LYS C 17 7.79 -18.64 -17.53
N SER C 18 8.50 -17.58 -17.12
CA SER C 18 9.05 -16.59 -18.04
C SER C 18 10.57 -16.61 -18.01
N GLN C 19 11.16 -16.06 -19.07
CA GLN C 19 12.60 -15.86 -19.17
C GLN C 19 12.87 -14.42 -19.59
N GLY C 20 13.90 -13.82 -19.02
CA GLY C 20 14.26 -12.47 -19.39
C GLY C 20 15.43 -11.97 -18.57
N VAL C 21 15.69 -10.67 -18.70
CA VAL C 21 16.79 -10.04 -17.98
C VAL C 21 16.31 -8.72 -17.44
N VAL C 22 16.76 -8.39 -16.23
CA VAL C 22 16.58 -7.07 -15.65
C VAL C 22 17.98 -6.52 -15.39
N VAL C 23 18.19 -5.26 -15.75
CA VAL C 23 19.46 -4.58 -15.54
C VAL C 23 19.18 -3.31 -14.77
N LEU C 24 19.93 -3.09 -13.69
CA LEU C 24 19.83 -1.89 -12.87
C LEU C 24 21.17 -1.18 -12.88
N TRP C 25 21.13 0.15 -12.74
CA TRP C 25 22.34 0.96 -12.65
C TRP C 25 22.15 1.95 -11.50
N ASN C 26 22.96 1.80 -10.46
CA ASN C 26 23.00 2.73 -9.34
C ASN C 26 23.83 3.94 -9.78
N GLU C 27 23.16 5.07 -10.00
CA GLU C 27 23.86 6.23 -10.55
C GLU C 27 24.88 6.79 -9.56
N ASN C 28 24.52 6.89 -8.28
CA ASN C 28 25.44 7.43 -7.28
C ASN C 28 26.73 6.61 -7.21
N LYS C 29 26.61 5.29 -7.22
CA LYS C 29 27.75 4.41 -7.00
C LYS C 29 28.38 3.90 -8.30
N GLN C 30 27.76 4.18 -9.45
CA GLN C 30 28.30 3.76 -10.75
C GLN C 30 28.52 2.24 -10.78
N GLN C 31 27.51 1.50 -10.33
CA GLN C 31 27.57 0.05 -10.27
C GLN C 31 26.35 -0.53 -10.96
N GLY C 32 26.56 -1.59 -11.74
CA GLY C 32 25.50 -2.24 -12.47
C GLY C 32 25.14 -3.57 -11.83
N PHE C 33 23.90 -3.98 -12.03
CA PHE C 33 23.39 -5.23 -11.48
C PHE C 33 22.45 -5.84 -12.48
N THR C 34 22.52 -7.17 -12.63
CA THR C 34 21.67 -7.88 -13.56
C THR C 34 21.62 -9.34 -13.16
N ASN C 35 20.56 -10.02 -13.57
CA ASN C 35 20.43 -11.45 -13.33
C ASN C 35 21.12 -12.30 -14.38
N ASN C 36 21.49 -11.71 -15.52
CA ASN C 36 22.02 -12.47 -16.65
C ASN C 36 22.94 -11.53 -17.44
N LEU C 37 24.25 -11.66 -17.21
CA LEU C 37 25.21 -10.78 -17.86
C LEU C 37 25.15 -10.95 -19.38
N LYS C 38 24.92 -12.17 -19.85
CA LYS C 38 24.92 -12.41 -21.29
C LYS C 38 23.74 -11.72 -21.97
N ARG C 39 22.53 -11.94 -21.46
CA ARG C 39 21.35 -11.36 -22.12
C ARG C 39 21.31 -9.85 -21.95
N ALA C 40 21.90 -9.31 -20.88
CA ALA C 40 21.93 -7.86 -20.71
C ALA C 40 22.65 -7.18 -21.87
N ASN C 41 23.54 -7.89 -22.55
CA ASN C 41 24.30 -7.33 -23.67
C ASN C 41 23.84 -7.90 -25.01
N GLN C 42 22.76 -8.67 -25.03
CA GLN C 42 22.17 -9.13 -26.27
C GLN C 42 21.23 -8.05 -26.82
N ALA C 43 21.37 -7.75 -28.11
CA ALA C 43 20.66 -6.66 -28.75
C ALA C 43 19.38 -7.16 -29.44
N PHE C 44 18.28 -6.44 -29.22
CA PHE C 44 16.99 -6.76 -29.82
C PHE C 44 16.45 -5.53 -30.55
N LEU C 45 15.36 -5.75 -31.30
CA LEU C 45 14.59 -4.64 -31.84
C LEU C 45 14.09 -3.77 -30.68
N PRO C 46 14.22 -2.44 -30.76
CA PRO C 46 13.68 -1.62 -29.67
C PRO C 46 12.16 -1.56 -29.66
N ALA C 47 11.51 -1.74 -30.80
CA ALA C 47 10.06 -1.64 -30.89
C ALA C 47 9.64 -0.28 -30.33
N SER C 48 8.58 -0.24 -29.51
CA SER C 48 8.03 1.04 -29.08
C SER C 48 8.93 1.78 -28.09
N THR C 49 9.99 1.15 -27.56
CA THR C 49 10.92 1.93 -26.76
C THR C 49 11.64 2.97 -27.62
N PHE C 50 11.60 2.82 -28.93
CA PHE C 50 12.22 3.78 -29.83
C PHE C 50 11.45 5.10 -29.88
N KCX C 51 10.28 5.15 -29.26
CA KCX C 51 9.52 6.40 -29.24
CB KCX C 51 8.11 6.15 -28.69
CG KCX C 51 7.22 5.38 -29.68
CD KCX C 51 5.77 5.28 -29.21
CE KCX C 51 4.87 4.75 -30.32
NZ KCX C 51 5.20 3.36 -30.70
C KCX C 51 10.24 7.49 -28.43
O KCX C 51 9.97 8.68 -28.60
CX KCX C 51 6.01 3.09 -31.73
OQ1 KCX C 51 6.48 3.99 -32.44
OQ2 KCX C 51 6.27 1.89 -32.00
N ILE C 52 11.19 7.08 -27.59
CA ILE C 52 11.96 8.05 -26.82
C ILE C 52 12.87 8.86 -27.76
N PRO C 53 13.80 8.21 -28.47
CA PRO C 53 14.63 8.97 -29.41
C PRO C 53 13.82 9.60 -30.53
N ASN C 54 12.81 8.90 -31.04
CA ASN C 54 11.95 9.47 -32.09
C ASN C 54 11.31 10.77 -31.61
N SER C 55 10.79 10.77 -30.38
CA SER C 55 10.23 11.99 -29.79
C SER C 55 11.28 13.10 -29.74
N LEU C 56 12.47 12.79 -29.21
CA LEU C 56 13.54 13.77 -29.13
C LEU C 56 13.82 14.39 -30.49
N ILE C 57 13.86 13.56 -31.54
CA ILE C 57 14.23 14.05 -32.86
C ILE C 57 13.13 14.90 -33.45
N ALA C 58 11.87 14.46 -33.34
CA ALA C 58 10.77 15.23 -33.90
C ALA C 58 10.67 16.61 -33.27
N LEU C 59 10.84 16.71 -31.95
CA LEU C 59 10.78 18.00 -31.27
C LEU C 59 11.93 18.91 -31.70
N ASP C 60 13.15 18.37 -31.73
CA ASP C 60 14.30 19.21 -32.00
C ASP C 60 14.28 19.79 -33.41
N LEU C 61 13.68 19.07 -34.35
CA LEU C 61 13.59 19.51 -35.74
C LEU C 61 12.33 20.33 -36.01
N GLY C 62 11.46 20.49 -35.03
CA GLY C 62 10.21 21.20 -35.23
C GLY C 62 9.12 20.37 -35.88
N VAL C 63 9.38 19.10 -36.16
CA VAL C 63 8.31 18.23 -36.65
C VAL C 63 7.15 18.22 -35.66
N VAL C 64 7.46 18.28 -34.37
CA VAL C 64 6.47 18.46 -33.32
C VAL C 64 6.71 19.80 -32.64
N LYS C 65 5.67 20.63 -32.59
CA LYS C 65 5.77 21.95 -31.99
C LYS C 65 6.01 21.87 -30.48
N ASP C 66 5.14 21.16 -29.77
CA ASP C 66 5.26 21.02 -28.32
C ASP C 66 4.39 19.83 -27.90
N GLU C 67 4.29 19.62 -26.59
CA GLU C 67 3.55 18.48 -26.05
C GLU C 67 2.04 18.67 -26.13
N HIS C 68 1.56 19.80 -26.66
CA HIS C 68 0.13 20.05 -26.79
C HIS C 68 -0.38 19.85 -28.22
N GLN C 69 0.49 19.97 -29.22
CA GLN C 69 0.09 19.83 -30.60
C GLN C 69 -0.72 18.56 -30.80
N VAL C 70 -1.86 18.70 -31.48
CA VAL C 70 -2.76 17.58 -31.73
C VAL C 70 -2.41 16.95 -33.07
N PHE C 71 -2.33 15.63 -33.08
CA PHE C 71 -2.13 14.85 -34.30
C PHE C 71 -3.42 14.11 -34.60
N LYS C 72 -4.12 14.52 -35.66
CA LYS C 72 -5.47 14.05 -35.91
C LYS C 72 -5.47 12.58 -36.31
N TRP C 73 -6.47 11.85 -35.83
CA TRP C 73 -6.69 10.48 -36.30
C TRP C 73 -7.00 10.50 -37.79
N ASP C 74 -6.33 9.63 -38.55
CA ASP C 74 -6.52 9.59 -39.99
C ASP C 74 -7.75 8.80 -40.42
N GLY C 75 -8.57 8.34 -39.47
CA GLY C 75 -9.81 7.69 -39.80
C GLY C 75 -9.72 6.21 -40.09
N GLN C 76 -8.52 5.65 -40.26
CA GLN C 76 -8.38 4.22 -40.47
C GLN C 76 -8.54 3.51 -39.14
N THR C 77 -9.52 2.63 -39.05
CA THR C 77 -9.79 1.92 -37.80
C THR C 77 -8.77 0.81 -37.63
N ARG C 78 -8.03 0.88 -36.54
CA ARG C 78 -7.05 -0.14 -36.19
C ARG C 78 -7.52 -0.88 -34.95
N ASP C 79 -6.99 -2.09 -34.77
CA ASP C 79 -7.56 -2.99 -33.78
C ASP C 79 -7.17 -2.65 -32.34
N ILE C 80 -6.44 -1.56 -32.13
CA ILE C 80 -6.19 -1.03 -30.79
C ILE C 80 -7.05 0.21 -30.63
N ALA C 81 -8.04 0.13 -29.73
CA ALA C 81 -9.05 1.18 -29.63
C ALA C 81 -8.44 2.54 -29.36
N THR C 82 -7.49 2.61 -28.43
CA THR C 82 -6.93 3.89 -28.03
C THR C 82 -6.19 4.58 -29.17
N TRP C 83 -5.88 3.88 -30.26
CA TRP C 83 -5.25 4.48 -31.42
C TRP C 83 -6.24 5.22 -32.31
N ASN C 84 -7.54 4.95 -32.16
CA ASN C 84 -8.56 5.52 -33.03
C ASN C 84 -9.14 6.80 -32.43
N ARG C 85 -8.27 7.77 -32.23
CA ARG C 85 -8.64 9.06 -31.64
C ARG C 85 -7.48 10.02 -31.84
N ASP C 86 -7.74 11.29 -31.56
CA ASP C 86 -6.69 12.29 -31.60
C ASP C 86 -5.71 12.07 -30.45
N HIS C 87 -4.47 12.50 -30.66
CA HIS C 87 -3.44 12.36 -29.63
C HIS C 87 -2.53 13.58 -29.68
N ASN C 88 -1.87 13.83 -28.56
CA ASN C 88 -0.71 14.71 -28.50
C ASN C 88 0.49 13.86 -28.12
N LEU C 89 1.64 14.50 -27.87
CA LEU C 89 2.85 13.73 -27.57
C LEU C 89 2.67 12.93 -26.29
N ILE C 90 2.02 13.50 -25.28
CA ILE C 90 1.86 12.80 -24.00
C ILE C 90 1.05 11.53 -24.19
N THR C 91 -0.14 11.65 -24.78
CA THR C 91 -1.01 10.50 -24.94
C THR C 91 -0.48 9.54 -25.99
N ALA C 92 0.18 10.06 -27.03
CA ALA C 92 0.80 9.18 -28.03
C ALA C 92 1.79 8.23 -27.38
N MET C 93 2.61 8.73 -26.46
N MET C 93 2.63 8.75 -26.47
CA MET C 93 3.55 7.85 -25.76
CA MET C 93 3.55 7.89 -25.72
C MET C 93 2.82 6.94 -24.78
C MET C 93 2.79 6.94 -24.82
N LYS C 94 1.77 7.44 -24.12
CA LYS C 94 1.08 6.64 -23.12
C LYS C 94 0.36 5.45 -23.75
N TYR C 95 -0.39 5.69 -24.83
CA TYR C 95 -1.19 4.65 -25.50
C TYR C 95 -0.45 4.14 -26.74
N SER C 96 0.81 3.82 -26.51
CA SER C 96 1.86 3.65 -27.52
C SER C 96 1.34 3.66 -28.96
N VAL C 97 1.12 4.85 -29.51
CA VAL C 97 0.36 5.02 -30.76
C VAL C 97 1.34 4.98 -31.92
N VAL C 98 1.59 3.77 -32.42
CA VAL C 98 2.54 3.59 -33.52
C VAL C 98 2.28 4.53 -34.68
N PRO C 99 1.07 4.60 -35.27
CA PRO C 99 0.91 5.37 -36.50
C PRO C 99 1.26 6.83 -36.36
N VAL C 100 1.07 7.42 -35.18
CA VAL C 100 1.52 8.79 -34.97
C VAL C 100 3.02 8.90 -35.19
N TYR C 101 3.78 7.97 -34.63
CA TYR C 101 5.24 8.02 -34.73
C TYR C 101 5.73 7.59 -36.11
N GLN C 102 4.96 6.77 -36.82
CA GLN C 102 5.28 6.48 -38.22
C GLN C 102 5.21 7.74 -39.05
N GLU C 103 4.26 8.62 -38.76
CA GLU C 103 4.18 9.89 -39.47
C GLU C 103 5.33 10.82 -39.07
N PHE C 104 5.69 10.83 -37.79
CA PHE C 104 6.88 11.58 -37.37
C PHE C 104 8.09 11.15 -38.19
N ALA C 105 8.30 9.84 -38.34
CA ALA C 105 9.49 9.34 -39.01
C ALA C 105 9.51 9.74 -40.48
N ARG C 106 8.36 9.65 -41.17
CA ARG C 106 8.32 10.05 -42.57
C ARG C 106 8.71 11.51 -42.74
N GLN C 107 8.29 12.36 -41.82
CA GLN C 107 8.62 13.77 -41.90
C GLN C 107 10.06 14.05 -41.50
N ILE C 108 10.61 13.25 -40.56
CA ILE C 108 12.02 13.40 -40.19
C ILE C 108 12.90 13.09 -41.38
N GLY C 109 12.63 11.98 -42.06
CA GLY C 109 13.40 11.58 -43.22
C GLY C 109 14.50 10.61 -42.87
N GLU C 110 14.84 9.77 -43.84
CA GLU C 110 15.86 8.74 -43.63
C GLU C 110 17.18 9.37 -43.20
N ALA C 111 17.64 10.37 -43.95
CA ALA C 111 18.97 10.92 -43.72
C ALA C 111 19.07 11.57 -42.35
N ARG C 112 18.09 12.39 -41.98
CA ARG C 112 18.14 13.07 -40.69
C ARG C 112 17.99 12.08 -39.54
N MET C 113 17.13 11.07 -39.72
CA MET C 113 17.01 10.04 -38.71
C MET C 113 18.35 9.36 -38.46
N SER C 114 19.04 8.99 -39.55
CA SER C 114 20.32 8.29 -39.43
C SER C 114 21.35 9.14 -38.68
N LYS C 115 21.48 10.42 -39.07
CA LYS C 115 22.45 11.28 -38.42
C LYS C 115 22.19 11.39 -36.93
N MET C 116 20.91 11.51 -36.54
CA MET C 116 20.57 11.70 -35.13
C MET C 116 20.89 10.46 -34.30
N LEU C 117 20.56 9.29 -34.81
CA LEU C 117 20.84 8.06 -34.07
C LEU C 117 22.33 7.81 -33.95
N HIS C 118 23.13 8.28 -34.92
CA HIS C 118 24.57 8.23 -34.76
C HIS C 118 25.03 9.20 -33.68
N ALA C 119 24.51 10.43 -33.70
CA ALA C 119 24.84 11.41 -32.67
C ALA C 119 24.42 10.94 -31.29
N PHE C 120 23.31 10.20 -31.19
CA PHE C 120 22.87 9.65 -29.92
C PHE C 120 23.67 8.41 -29.51
N ASP C 121 24.50 7.85 -30.38
CA ASP C 121 25.19 6.59 -30.09
C ASP C 121 24.19 5.51 -29.73
N TYR C 122 23.08 5.46 -30.46
CA TYR C 122 21.93 4.66 -30.08
C TYR C 122 22.04 3.27 -30.71
N GLY C 123 22.20 2.25 -29.88
CA GLY C 123 22.22 0.88 -30.36
C GLY C 123 23.24 0.70 -31.47
N ASN C 124 22.87 -0.09 -32.47
CA ASN C 124 23.71 -0.29 -33.64
C ASN C 124 23.53 0.81 -34.68
N GLU C 125 22.66 1.79 -34.44
CA GLU C 125 22.54 2.98 -35.27
C GLU C 125 22.12 2.66 -36.71
N ASP C 126 21.45 1.52 -36.92
CA ASP C 126 21.14 1.03 -38.26
C ASP C 126 19.64 1.21 -38.51
N ILE C 127 19.29 2.06 -39.47
CA ILE C 127 17.89 2.33 -39.80
C ILE C 127 17.44 1.59 -41.07
N SER C 128 18.19 0.58 -41.51
CA SER C 128 17.83 -0.16 -42.71
C SER C 128 16.39 -0.69 -42.60
N GLY C 129 15.66 -0.58 -43.71
CA GLY C 129 14.23 -0.91 -43.77
C GLY C 129 13.38 0.29 -44.13
N ASN C 130 12.08 0.24 -43.82
CA ASN C 130 11.21 1.36 -44.11
C ASN C 130 11.42 2.44 -43.06
N VAL C 131 11.58 3.69 -43.51
CA VAL C 131 11.84 4.79 -42.59
C VAL C 131 10.76 4.86 -41.54
N ASP C 132 9.55 4.41 -41.85
CA ASP C 132 8.40 4.55 -40.97
C ASP C 132 8.11 3.27 -40.19
N SER C 133 9.02 2.27 -40.24
CA SER C 133 8.79 1.04 -39.48
C SER C 133 10.08 0.33 -39.11
N PHE C 134 11.26 0.91 -39.33
CA PHE C 134 12.51 0.16 -39.15
C PHE C 134 12.69 -0.28 -37.70
N TRP C 135 12.20 0.50 -36.74
CA TRP C 135 12.34 0.12 -35.34
C TRP C 135 11.43 -1.03 -34.96
N LEU C 136 10.55 -1.46 -35.87
CA LEU C 136 9.66 -2.59 -35.63
C LEU C 136 10.03 -3.84 -36.42
N ASP C 137 10.55 -3.68 -37.64
CA ASP C 137 10.90 -4.84 -38.45
C ASP C 137 12.12 -4.59 -39.34
N GLY C 138 12.91 -3.57 -39.05
CA GLY C 138 14.12 -3.26 -39.79
C GLY C 138 15.36 -3.80 -39.11
N GLY C 139 16.48 -3.09 -39.27
CA GLY C 139 17.77 -3.59 -38.85
C GLY C 139 18.36 -2.98 -37.60
N ILE C 140 17.61 -2.09 -36.92
CA ILE C 140 18.13 -1.46 -35.72
C ILE C 140 18.02 -2.43 -34.54
N ARG C 141 19.08 -2.48 -33.74
CA ARG C 141 19.12 -3.34 -32.57
C ARG C 141 19.72 -2.56 -31.40
N ILE C 142 19.28 -2.90 -30.19
CA ILE C 142 19.77 -2.26 -28.98
C ILE C 142 19.63 -3.25 -27.82
N SER C 143 20.63 -3.28 -26.96
CA SER C 143 20.63 -4.14 -25.79
C SER C 143 20.18 -3.35 -24.56
N ALA C 144 19.88 -4.09 -23.49
CA ALA C 144 19.45 -3.44 -22.24
C ALA C 144 20.52 -2.50 -21.70
N THR C 145 21.79 -2.93 -21.70
CA THR C 145 22.85 -2.05 -21.24
C THR C 145 23.00 -0.83 -22.14
N GLU C 146 22.75 -0.98 -23.43
CA GLU C 146 22.78 0.16 -24.35
C GLU C 146 21.60 1.09 -24.11
N GLN C 147 20.44 0.54 -23.73
CA GLN C 147 19.31 1.39 -23.34
C GLN C 147 19.69 2.25 -22.13
N ILE C 148 20.30 1.65 -21.12
CA ILE C 148 20.67 2.40 -19.92
C ILE C 148 21.66 3.51 -20.27
N SER C 149 22.68 3.18 -21.05
CA SER C 149 23.65 4.20 -21.46
C SER C 149 22.98 5.36 -22.16
N PHE C 150 22.00 5.08 -23.02
CA PHE C 150 21.25 6.14 -23.68
C PHE C 150 20.40 6.92 -22.68
N LEU C 151 19.69 6.20 -21.80
CA LEU C 151 18.82 6.87 -20.84
C LEU C 151 19.61 7.78 -19.91
N ARG C 152 20.79 7.34 -19.48
CA ARG C 152 21.61 8.15 -18.58
C ARG C 152 22.00 9.47 -19.23
N LYS C 153 22.30 9.46 -20.52
CA LYS C 153 22.60 10.71 -21.22
C LYS C 153 21.36 11.60 -21.23
N LEU C 154 20.19 11.01 -21.48
CA LEU C 154 18.96 11.78 -21.47
C LEU C 154 18.69 12.41 -20.11
N TYR C 155 18.89 11.64 -19.03
CA TYR C 155 18.62 12.17 -17.69
C TYR C 155 19.45 13.41 -17.41
N HIS C 156 20.72 13.41 -17.82
CA HIS C 156 21.64 14.51 -17.56
C HIS C 156 21.60 15.59 -18.64
N ASN C 157 20.66 15.52 -19.58
CA ASN C 157 20.53 16.51 -20.66
C ASN C 157 21.81 16.57 -21.51
N LYS C 158 22.43 15.43 -21.74
CA LYS C 158 23.70 15.37 -22.47
C LYS C 158 23.56 14.95 -23.93
N LEU C 159 22.37 14.55 -24.37
CA LEU C 159 22.20 14.23 -25.78
C LEU C 159 22.31 15.50 -26.62
N HIS C 160 22.65 15.32 -27.89
CA HIS C 160 22.86 16.46 -28.80
C HIS C 160 21.55 16.93 -29.43
N VAL C 161 20.63 17.30 -28.54
CA VAL C 161 19.45 18.06 -28.87
C VAL C 161 19.31 19.11 -27.79
N SER C 162 18.38 20.05 -27.99
CA SER C 162 18.21 21.13 -27.03
C SER C 162 17.78 20.58 -25.68
N GLU C 163 18.11 21.34 -24.62
CA GLU C 163 17.61 21.01 -23.29
C GLU C 163 16.09 20.93 -23.29
N ARG C 164 15.43 21.85 -23.99
CA ARG C 164 13.98 21.86 -24.04
C ARG C 164 13.43 20.54 -24.57
N SER C 165 14.01 20.06 -25.68
CA SER C 165 13.56 18.79 -26.26
C SER C 165 13.70 17.65 -25.25
N GLN C 166 14.80 17.62 -24.49
CA GLN C 166 15.00 16.52 -23.55
C GLN C 166 14.08 16.65 -22.34
N ARG C 167 13.76 17.87 -21.91
CA ARG C 167 12.82 18.05 -20.80
C ARG C 167 11.40 17.63 -21.21
N ILE C 168 11.00 17.93 -22.44
CA ILE C 168 9.66 17.58 -22.89
C ILE C 168 9.50 16.07 -22.96
N VAL C 169 10.52 15.39 -23.48
CA VAL C 169 10.44 13.94 -23.61
C VAL C 169 10.43 13.28 -22.22
N LYS C 170 11.23 13.79 -21.29
CA LYS C 170 11.24 13.23 -19.94
C LYS C 170 9.91 13.46 -19.24
N GLN C 171 9.24 14.57 -19.51
CA GLN C 171 7.87 14.78 -19.04
C GLN C 171 6.95 13.73 -19.66
N ALA C 172 7.06 13.53 -20.97
CA ALA C 172 6.21 12.58 -21.65
C ALA C 172 6.43 11.15 -21.19
N MET C 173 7.61 10.83 -20.64
CA MET C 173 7.90 9.50 -20.12
C MET C 173 7.30 9.25 -18.75
N LEU C 174 6.70 10.25 -18.12
CA LEU C 174 6.16 10.08 -16.77
C LEU C 174 5.14 8.95 -16.74
N THR C 175 5.41 7.95 -15.91
CA THR C 175 4.60 6.75 -15.80
C THR C 175 3.93 6.61 -14.43
N GLU C 176 4.68 6.87 -13.36
CA GLU C 176 4.18 6.68 -12.01
C GLU C 176 4.90 7.64 -11.08
N ALA C 177 4.17 8.11 -10.07
CA ALA C 177 4.74 9.01 -9.08
C ALA C 177 3.93 8.92 -7.80
N ASN C 178 4.63 8.94 -6.66
CA ASN C 178 4.00 8.99 -5.35
C ASN C 178 5.00 9.59 -4.38
N GLY C 179 4.68 9.51 -3.09
CA GLY C 179 5.57 10.08 -2.09
C GLY C 179 6.89 9.35 -1.93
N ASP C 180 7.03 8.17 -2.51
CA ASP C 180 8.23 7.37 -2.37
C ASP C 180 9.14 7.41 -3.59
N TYR C 181 8.61 7.56 -4.81
CA TYR C 181 9.46 7.50 -5.99
C TYR C 181 8.72 8.05 -7.21
N ILE C 182 9.50 8.33 -8.25
CA ILE C 182 9.00 8.70 -9.57
C ILE C 182 9.59 7.74 -10.58
N ILE C 183 8.76 7.23 -11.49
CA ILE C 183 9.21 6.37 -12.57
C ILE C 183 8.92 7.08 -13.90
N ARG C 184 9.96 7.26 -14.71
CA ARG C 184 9.84 7.67 -16.09
C ARG C 184 10.36 6.54 -16.95
N ALA C 185 9.52 6.04 -17.85
CA ALA C 185 9.83 4.80 -18.57
C ALA C 185 9.01 4.74 -19.85
N LYS C 186 9.26 3.69 -20.64
CA LYS C 186 8.54 3.45 -21.88
C LYS C 186 8.48 1.94 -22.09
N THR C 187 7.29 1.44 -22.43
CA THR C 187 7.13 0.02 -22.74
C THR C 187 7.48 -0.26 -24.20
N GLY C 188 7.70 -1.52 -24.49
CA GLY C 188 7.97 -1.96 -25.85
C GLY C 188 7.49 -3.37 -26.07
N TYR C 189 7.05 -3.64 -27.30
CA TYR C 189 6.48 -4.94 -27.64
C TYR C 189 6.87 -5.26 -29.07
N SER C 190 7.81 -6.19 -29.25
CA SER C 190 8.35 -6.52 -30.56
C SER C 190 7.76 -7.84 -31.03
N THR C 191 7.05 -7.81 -32.16
CA THR C 191 6.32 -8.98 -32.64
C THR C 191 6.57 -9.35 -34.09
N ARG C 192 7.24 -8.51 -34.88
CA ARG C 192 7.39 -8.75 -36.31
C ARG C 192 8.65 -9.55 -36.66
N ILE C 193 9.55 -9.74 -35.70
CA ILE C 193 10.74 -10.57 -35.88
C ILE C 193 10.96 -11.35 -34.59
N GLU C 194 11.38 -12.61 -34.74
CA GLU C 194 11.62 -13.45 -33.59
C GLU C 194 12.96 -13.09 -32.96
N PRO C 195 13.10 -13.27 -31.63
CA PRO C 195 12.05 -13.74 -30.72
C PRO C 195 11.11 -12.62 -30.28
N LYS C 196 9.83 -12.93 -30.12
CA LYS C 196 8.89 -11.97 -29.58
C LYS C 196 9.29 -11.62 -28.14
N ILE C 197 9.33 -10.32 -27.84
CA ILE C 197 9.80 -9.85 -26.54
C ILE C 197 9.01 -8.62 -26.12
N GLY C 198 9.05 -8.36 -24.81
CA GLY C 198 8.56 -7.12 -24.25
C GLY C 198 9.72 -6.34 -23.67
N TRP C 199 9.62 -5.01 -23.73
CA TRP C 199 10.59 -4.10 -23.12
C TRP C 199 9.95 -3.32 -21.98
N TRP C 200 10.78 -2.93 -21.02
CA TRP C 200 10.47 -1.79 -20.16
C TRP C 200 11.79 -1.15 -19.78
N VAL C 201 11.95 0.13 -20.12
CA VAL C 201 13.18 0.86 -19.88
C VAL C 201 12.83 2.23 -19.33
N GLY C 202 13.65 2.71 -18.40
CA GLY C 202 13.45 4.01 -17.80
C GLY C 202 14.32 4.19 -16.56
N TRP C 203 13.80 4.88 -15.54
CA TRP C 203 14.56 5.03 -14.32
C TRP C 203 13.61 5.33 -13.17
N VAL C 204 14.12 5.13 -11.96
CA VAL C 204 13.40 5.39 -10.71
C VAL C 204 14.12 6.53 -10.00
N GLU C 205 13.42 7.64 -9.80
CA GLU C 205 13.98 8.79 -9.10
C GLU C 205 13.67 8.66 -7.61
N LEU C 206 14.70 8.80 -6.78
CA LEU C 206 14.56 8.86 -5.34
C LEU C 206 15.03 10.22 -4.85
N ASP C 207 14.79 10.49 -3.56
CA ASP C 207 15.19 11.77 -2.97
C ASP C 207 16.65 12.08 -3.24
N ASP C 208 17.52 11.08 -3.16
CA ASP C 208 18.96 11.32 -3.22
C ASP C 208 19.69 10.31 -4.10
N ASN C 209 19.02 9.68 -5.06
CA ASN C 209 19.66 8.77 -5.98
C ASN C 209 18.71 8.53 -7.16
N VAL C 210 19.25 7.95 -8.21
CA VAL C 210 18.49 7.53 -9.38
C VAL C 210 18.89 6.12 -9.74
N TRP C 211 17.91 5.26 -9.98
CA TRP C 211 18.14 3.88 -10.40
C TRP C 211 17.62 3.72 -11.82
N PHE C 212 18.54 3.59 -12.77
CA PHE C 212 18.17 3.28 -14.14
C PHE C 212 17.91 1.79 -14.29
N PHE C 213 16.98 1.46 -15.18
CA PHE C 213 16.65 0.06 -15.41
C PHE C 213 16.32 -0.16 -16.87
N ALA C 214 16.54 -1.39 -17.33
CA ALA C 214 16.15 -1.85 -18.65
C ALA C 214 15.89 -3.33 -18.55
N MET C 215 14.71 -3.76 -19.00
CA MET C 215 14.35 -5.16 -18.95
C MET C 215 13.76 -5.58 -20.29
N ASN C 216 14.04 -6.83 -20.68
CA ASN C 216 13.27 -7.47 -21.74
C ASN C 216 13.01 -8.91 -21.31
N MET C 217 11.99 -9.50 -21.92
CA MET C 217 11.55 -10.83 -21.56
C MET C 217 10.85 -11.45 -22.77
N ASP C 218 10.96 -12.77 -22.91
CA ASP C 218 10.24 -13.47 -23.94
C ASP C 218 8.74 -13.23 -23.75
N MET C 219 8.05 -12.90 -24.84
CA MET C 219 6.64 -12.50 -24.79
C MET C 219 5.91 -13.23 -25.91
N PRO C 220 5.73 -14.54 -25.78
CA PRO C 220 5.06 -15.29 -26.86
C PRO C 220 3.62 -14.86 -27.09
N THR C 221 2.95 -14.32 -26.06
CA THR C 221 1.58 -13.88 -26.21
C THR C 221 1.40 -12.55 -25.47
N SER C 222 0.47 -11.73 -25.97
CA SER C 222 0.15 -10.45 -25.36
C SER C 222 -0.45 -10.58 -23.96
N ASP C 223 -0.75 -11.80 -23.52
CA ASP C 223 -1.44 -11.97 -22.24
C ASP C 223 -0.55 -11.65 -21.05
N GLY C 224 0.77 -11.76 -21.21
CA GLY C 224 1.72 -11.52 -20.14
C GLY C 224 2.38 -10.15 -20.14
N LEU C 225 1.86 -9.18 -20.90
CA LEU C 225 2.54 -7.90 -21.02
C LEU C 225 2.70 -7.23 -19.66
N GLY C 226 1.71 -7.35 -18.78
CA GLY C 226 1.80 -6.77 -17.45
C GLY C 226 2.98 -7.26 -16.65
N LEU C 227 3.59 -8.37 -17.05
CA LEU C 227 4.72 -8.90 -16.30
C LEU C 227 5.98 -8.06 -16.47
N ARG C 228 6.07 -7.28 -17.54
CA ARG C 228 7.22 -6.40 -17.72
C ARG C 228 7.39 -5.51 -16.49
N GLN C 229 6.29 -4.89 -16.04
CA GLN C 229 6.36 -4.01 -14.88
C GLN C 229 6.32 -4.81 -13.57
N ALA C 230 5.52 -5.86 -13.52
CA ALA C 230 5.42 -6.66 -12.30
C ALA C 230 6.78 -7.25 -11.94
N ILE C 231 7.45 -7.89 -12.90
CA ILE C 231 8.74 -8.51 -12.62
C ILE C 231 9.77 -7.46 -12.26
N THR C 232 9.79 -6.34 -13.00
CA THR C 232 10.73 -5.28 -12.71
C THR C 232 10.55 -4.75 -11.29
N LYS C 233 9.30 -4.62 -10.85
CA LYS C 233 9.05 -4.10 -9.51
C LYS C 233 9.38 -5.13 -8.43
N GLU C 234 9.23 -6.43 -8.72
CA GLU C 234 9.66 -7.45 -7.77
C GLU C 234 11.15 -7.30 -7.48
N VAL C 235 11.95 -7.05 -8.51
CA VAL C 235 13.38 -6.85 -8.32
C VAL C 235 13.63 -5.60 -7.51
N LEU C 236 12.92 -4.51 -7.83
CA LEU C 236 13.11 -3.26 -7.11
C LEU C 236 12.73 -3.41 -5.64
N LYS C 237 11.65 -4.15 -5.34
CA LYS C 237 11.31 -4.42 -3.95
C LYS C 237 12.41 -5.23 -3.27
N GLN C 238 12.85 -6.31 -3.91
CA GLN C 238 13.90 -7.14 -3.34
C GLN C 238 15.15 -6.33 -3.03
N GLU C 239 15.54 -5.43 -3.92
CA GLU C 239 16.73 -4.62 -3.73
C GLU C 239 16.46 -3.39 -2.86
N LYS C 240 15.28 -3.27 -2.26
CA LYS C 240 14.98 -2.19 -1.32
C LYS C 240 15.01 -0.82 -2.01
N ILE C 241 14.74 -0.78 -3.31
CA ILE C 241 14.71 0.50 -4.01
C ILE C 241 13.35 1.17 -3.86
N ILE C 242 12.28 0.38 -3.91
CA ILE C 242 10.93 0.89 -3.65
C ILE C 242 10.29 0.05 -2.55
N PRO C 243 9.33 0.58 -1.79
CA PRO C 243 8.67 -0.24 -0.76
C PRO C 243 7.85 -1.39 -1.36
N GLU D 2 -18.56 30.78 -16.36
CA GLU D 2 -19.60 30.61 -15.35
C GLU D 2 -19.07 30.00 -14.06
N TRP D 3 -19.68 30.36 -12.95
CA TRP D 3 -19.34 29.81 -11.65
C TRP D 3 -20.59 29.16 -11.08
N GLN D 4 -20.43 27.97 -10.52
CA GLN D 4 -21.53 27.23 -9.94
C GLN D 4 -21.18 26.86 -8.52
N GLU D 5 -22.14 27.02 -7.62
CA GLU D 5 -21.97 26.70 -6.21
C GLU D 5 -22.67 25.37 -5.95
N ASN D 6 -21.90 24.36 -5.55
CA ASN D 6 -22.42 23.03 -5.27
C ASN D 6 -22.14 22.79 -3.79
N LYS D 7 -23.11 23.17 -2.95
CA LYS D 7 -22.94 23.10 -1.51
C LYS D 7 -22.96 21.67 -0.98
N SER D 8 -23.29 20.69 -1.82
CA SER D 8 -23.26 19.30 -1.37
C SER D 8 -21.87 18.89 -0.92
N TRP D 9 -20.82 19.47 -1.53
CA TRP D 9 -19.45 19.12 -1.15
C TRP D 9 -19.20 19.34 0.32
N ASN D 10 -19.91 20.29 0.94
CA ASN D 10 -19.72 20.58 2.36
C ASN D 10 -19.82 19.33 3.21
N ALA D 11 -20.51 18.30 2.74
CA ALA D 11 -20.57 17.05 3.47
C ALA D 11 -19.17 16.50 3.72
N HIS D 12 -18.27 16.66 2.74
CA HIS D 12 -16.91 16.16 2.89
C HIS D 12 -16.13 16.91 3.97
N PHE D 13 -16.39 18.22 4.11
CA PHE D 13 -15.80 18.99 5.20
C PHE D 13 -16.47 18.65 6.53
N THR D 14 -17.80 18.61 6.55
CA THR D 14 -18.53 18.32 7.78
C THR D 14 -18.15 16.95 8.33
N GLU D 15 -17.97 15.96 7.44
CA GLU D 15 -17.66 14.61 7.88
C GLU D 15 -16.45 14.57 8.83
N HIS D 16 -15.51 15.51 8.68
CA HIS D 16 -14.32 15.56 9.51
C HIS D 16 -14.36 16.72 10.50
N LYS D 17 -15.55 17.27 10.75
CA LYS D 17 -15.72 18.41 11.64
C LYS D 17 -14.76 19.55 11.25
N SER D 18 -14.60 19.71 9.94
CA SER D 18 -13.72 20.73 9.38
C SER D 18 -14.55 21.73 8.57
N GLN D 19 -13.96 22.90 8.35
CA GLN D 19 -14.54 23.92 7.49
C GLN D 19 -13.48 24.36 6.48
N GLY D 20 -13.91 24.62 5.25
CA GLY D 20 -12.99 25.05 4.23
C GLY D 20 -13.71 25.22 2.91
N VAL D 21 -12.91 25.40 1.86
CA VAL D 21 -13.41 25.61 0.51
C VAL D 21 -12.58 24.78 -0.46
N VAL D 22 -13.25 24.20 -1.45
CA VAL D 22 -12.59 23.60 -2.60
C VAL D 22 -13.08 24.33 -3.84
N VAL D 23 -12.16 24.70 -4.71
CA VAL D 23 -12.47 25.40 -5.95
C VAL D 23 -11.90 24.60 -7.11
N LEU D 24 -12.73 24.31 -8.11
CA LEU D 24 -12.33 23.60 -9.30
C LEU D 24 -12.56 24.48 -10.52
N TRP D 25 -11.71 24.28 -11.54
CA TRP D 25 -11.85 24.99 -12.80
C TRP D 25 -11.64 24.01 -13.96
N ASN D 26 -12.70 23.81 -14.74
CA ASN D 26 -12.63 23.00 -15.96
C ASN D 26 -12.04 23.84 -17.08
N GLU D 27 -10.81 23.50 -17.51
CA GLU D 27 -10.11 24.31 -18.50
C GLU D 27 -10.79 24.24 -19.86
N ASN D 28 -11.18 23.04 -20.30
CA ASN D 28 -11.79 22.89 -21.61
C ASN D 28 -13.06 23.72 -21.73
N LYS D 29 -13.89 23.71 -20.69
CA LYS D 29 -15.19 24.36 -20.72
C LYS D 29 -15.19 25.75 -20.11
N GLN D 30 -14.09 26.17 -19.49
CA GLN D 30 -13.99 27.49 -18.88
C GLN D 30 -15.11 27.71 -17.87
N GLN D 31 -15.31 26.73 -16.99
CA GLN D 31 -16.33 26.78 -15.94
C GLN D 31 -15.73 26.43 -14.60
N GLY D 32 -16.12 27.19 -13.57
CA GLY D 32 -15.64 26.99 -12.23
C GLY D 32 -16.70 26.41 -11.29
N PHE D 33 -16.26 25.73 -10.24
CA PHE D 33 -17.17 25.11 -9.28
C PHE D 33 -16.59 25.23 -7.88
N THR D 34 -17.45 25.46 -6.90
CA THR D 34 -17.01 25.62 -5.52
C THR D 34 -18.19 25.36 -4.58
N ASN D 35 -17.85 24.99 -3.35
CA ASN D 35 -18.86 24.81 -2.31
C ASN D 35 -19.21 26.11 -1.59
N ASN D 36 -18.36 27.13 -1.70
CA ASN D 36 -18.54 28.36 -0.93
C ASN D 36 -17.95 29.50 -1.76
N LEU D 37 -18.81 30.24 -2.47
CA LEU D 37 -18.34 31.30 -3.34
C LEU D 37 -17.64 32.39 -2.54
N LYS D 38 -18.14 32.69 -1.34
CA LYS D 38 -17.56 33.76 -0.54
C LYS D 38 -16.14 33.41 -0.10
N ARG D 39 -15.96 32.24 0.51
CA ARG D 39 -14.64 31.85 0.97
C ARG D 39 -13.70 31.56 -0.20
N ALA D 40 -14.24 31.15 -1.34
CA ALA D 40 -13.40 30.94 -2.52
C ALA D 40 -12.68 32.21 -2.92
N ASN D 41 -13.23 33.38 -2.55
CA ASN D 41 -12.61 34.67 -2.84
C ASN D 41 -12.03 35.34 -1.60
N GLN D 42 -11.96 34.64 -0.46
CA GLN D 42 -11.27 35.19 0.70
C GLN D 42 -9.78 34.98 0.56
N ALA D 43 -9.00 36.03 0.78
CA ALA D 43 -7.56 36.00 0.60
C ALA D 43 -6.89 35.70 1.93
N PHE D 44 -5.96 34.74 1.92
CA PHE D 44 -5.18 34.33 3.08
C PHE D 44 -3.70 34.44 2.77
N LEU D 45 -2.88 34.28 3.81
CA LEU D 45 -1.46 34.09 3.61
C LEU D 45 -1.23 32.87 2.72
N PRO D 46 -0.37 32.95 1.71
CA PRO D 46 -0.11 31.74 0.90
C PRO D 46 0.70 30.71 1.64
N ALA D 47 1.52 31.14 2.60
CA ALA D 47 2.39 30.23 3.35
C ALA D 47 3.23 29.45 2.33
N SER D 48 3.38 28.14 2.47
CA SER D 48 4.29 27.39 1.62
C SER D 48 3.80 27.25 0.18
N THR D 49 2.55 27.60 -0.15
CA THR D 49 2.17 27.63 -1.55
C THR D 49 2.94 28.70 -2.31
N PHE D 50 3.55 29.64 -1.60
CA PHE D 50 4.34 30.68 -2.23
C PHE D 50 5.65 30.12 -2.81
N KCX D 51 5.98 28.87 -2.47
CA KCX D 51 7.19 28.26 -3.00
CB KCX D 51 7.46 26.90 -2.34
CG KCX D 51 7.93 27.02 -0.89
CD KCX D 51 8.37 25.69 -0.30
CE KCX D 51 9.04 25.88 1.05
NZ KCX D 51 8.09 26.41 2.06
C KCX D 51 7.12 28.10 -4.51
O KCX D 51 8.15 27.91 -5.17
CX KCX D 51 8.00 27.71 2.32
OQ1 KCX D 51 8.72 28.53 1.73
OQ2 KCX D 51 7.19 28.11 3.16
N ILE D 52 5.93 28.18 -5.09
CA ILE D 52 5.77 28.10 -6.54
C ILE D 52 6.35 29.36 -7.18
N PRO D 53 5.80 30.55 -6.88
CA PRO D 53 6.39 31.77 -7.45
C PRO D 53 7.82 32.01 -6.99
N ASN D 54 8.13 31.68 -5.74
CA ASN D 54 9.49 31.85 -5.25
C ASN D 54 10.47 31.03 -6.09
N SER D 55 10.14 29.77 -6.37
CA SER D 55 10.98 28.93 -7.23
C SER D 55 11.14 29.57 -8.61
N LEU D 56 10.02 29.97 -9.22
CA LEU D 56 10.07 30.57 -10.54
C LEU D 56 11.03 31.74 -10.58
N ILE D 57 11.00 32.58 -9.54
CA ILE D 57 11.82 33.80 -9.53
C ILE D 57 13.28 33.45 -9.35
N ALA D 58 13.58 32.54 -8.41
CA ALA D 58 14.97 32.18 -8.16
C ALA D 58 15.61 31.57 -9.40
N LEU D 59 14.87 30.73 -10.12
CA LEU D 59 15.40 30.12 -11.32
C LEU D 59 15.65 31.17 -12.40
N ASP D 60 14.67 32.04 -12.64
CA ASP D 60 14.79 32.99 -13.73
C ASP D 60 15.89 34.01 -13.48
N LEU D 61 16.20 34.30 -12.21
CA LEU D 61 17.25 35.26 -11.87
C LEU D 61 18.61 34.59 -11.70
N GLY D 62 18.69 33.28 -11.83
CA GLY D 62 19.94 32.58 -11.65
C GLY D 62 20.32 32.31 -10.22
N VAL D 63 19.49 32.70 -9.25
CA VAL D 63 19.73 32.31 -7.86
C VAL D 63 19.79 30.80 -7.74
N VAL D 64 18.96 30.10 -8.51
CA VAL D 64 19.02 28.65 -8.62
C VAL D 64 19.44 28.30 -10.04
N LYS D 65 20.52 27.53 -10.14
CA LYS D 65 21.04 27.11 -11.44
C LYS D 65 20.10 26.12 -12.12
N ASP D 66 19.74 25.03 -11.42
CA ASP D 66 18.85 24.01 -11.97
C ASP D 66 18.27 23.21 -10.82
N GLU D 67 17.49 22.19 -11.16
CA GLU D 67 16.83 21.35 -10.16
C GLU D 67 17.79 20.38 -9.48
N HIS D 68 19.06 20.35 -9.87
CA HIS D 68 20.05 19.47 -9.25
C HIS D 68 20.95 20.20 -8.26
N GLN D 69 21.10 21.52 -8.41
CA GLN D 69 21.95 22.29 -7.51
C GLN D 69 21.61 21.98 -6.05
N VAL D 70 22.64 21.67 -5.27
CA VAL D 70 22.47 21.30 -3.88
C VAL D 70 22.57 22.55 -3.01
N PHE D 71 21.64 22.68 -2.07
CA PHE D 71 21.65 23.73 -1.07
C PHE D 71 21.97 23.08 0.27
N LYS D 72 23.18 23.34 0.77
CA LYS D 72 23.69 22.59 1.91
C LYS D 72 22.95 23.01 3.18
N TRP D 73 22.68 22.03 4.04
CA TRP D 73 22.12 22.32 5.35
C TRP D 73 23.03 23.25 6.12
N ASP D 74 22.46 24.29 6.74
CA ASP D 74 23.24 25.28 7.47
C ASP D 74 23.62 24.81 8.87
N GLY D 75 23.33 23.57 9.24
CA GLY D 75 23.77 23.00 10.50
C GLY D 75 22.89 23.29 11.69
N GLN D 76 21.94 24.22 11.59
CA GLN D 76 21.02 24.49 12.69
C GLN D 76 19.94 23.43 12.75
N THR D 77 19.81 22.78 13.90
CA THR D 77 18.83 21.72 14.07
C THR D 77 17.45 22.35 14.25
N ARG D 78 16.53 22.03 13.34
CA ARG D 78 15.16 22.49 13.41
C ARG D 78 14.24 21.30 13.66
N ASP D 79 13.04 21.58 14.16
CA ASP D 79 12.18 20.53 14.68
C ASP D 79 11.47 19.72 13.61
N ILE D 80 11.74 19.99 12.34
CA ILE D 80 11.29 19.15 11.23
C ILE D 80 12.51 18.39 10.73
N ALA D 81 12.49 17.06 10.90
CA ALA D 81 13.68 16.26 10.62
C ALA D 81 14.13 16.41 9.17
N THR D 82 13.18 16.37 8.22
CA THR D 82 13.55 16.41 6.81
C THR D 82 14.21 17.72 6.41
N TRP D 83 14.14 18.75 7.26
CA TRP D 83 14.84 20.00 6.97
C TRP D 83 16.32 19.96 7.33
N ASN D 84 16.74 19.02 8.18
CA ASN D 84 18.12 18.98 8.69
C ASN D 84 18.99 18.08 7.81
N ARG D 85 19.07 18.46 6.54
CA ARG D 85 19.84 17.70 5.56
C ARG D 85 19.95 18.57 4.30
N ASP D 86 20.81 18.12 3.39
CA ASP D 86 20.95 18.81 2.12
C ASP D 86 19.70 18.60 1.26
N HIS D 87 19.44 19.56 0.38
CA HIS D 87 18.28 19.51 -0.49
C HIS D 87 18.64 20.10 -1.85
N ASN D 88 17.87 19.70 -2.86
CA ASN D 88 17.81 20.39 -4.14
C ASN D 88 16.39 20.94 -4.29
N LEU D 89 16.10 21.51 -5.46
CA LEU D 89 14.80 22.14 -5.67
C LEU D 89 13.66 21.14 -5.56
N ILE D 90 13.85 19.92 -6.08
CA ILE D 90 12.78 18.93 -6.04
C ILE D 90 12.43 18.59 -4.60
N THR D 91 13.43 18.22 -3.80
CA THR D 91 13.16 17.78 -2.43
C THR D 91 12.79 18.94 -1.53
N ALA D 92 13.33 20.14 -1.78
CA ALA D 92 12.92 21.32 -1.02
C ALA D 92 11.43 21.56 -1.16
N MET D 93 10.89 21.44 -2.38
N MET D 93 10.90 21.48 -2.39
CA MET D 93 9.45 21.61 -2.57
CA MET D 93 9.46 21.58 -2.62
C MET D 93 8.68 20.43 -1.97
C MET D 93 8.73 20.44 -1.93
N LYS D 94 9.20 19.21 -2.14
CA LYS D 94 8.52 18.04 -1.60
C LYS D 94 8.39 18.12 -0.09
N TYR D 95 9.47 18.47 0.61
CA TYR D 95 9.49 18.47 2.06
C TYR D 95 9.29 19.86 2.65
N SER D 96 8.80 20.80 1.87
N SER D 96 8.78 20.79 1.88
CA SER D 96 8.42 22.20 2.07
CA SER D 96 8.42 22.19 2.09
C SER D 96 9.43 22.90 2.98
C SER D 96 9.43 22.89 2.99
N VAL D 97 10.69 22.87 2.54
CA VAL D 97 11.83 23.29 3.35
C VAL D 97 11.95 24.81 3.41
N VAL D 98 11.26 25.42 4.36
CA VAL D 98 11.22 26.88 4.54
C VAL D 98 12.63 27.48 4.50
N PRO D 99 13.57 27.03 5.34
CA PRO D 99 14.84 27.77 5.43
C PRO D 99 15.60 27.84 4.12
N VAL D 100 15.50 26.81 3.28
CA VAL D 100 16.12 26.88 1.96
C VAL D 100 15.54 28.03 1.16
N TYR D 101 14.21 28.19 1.22
CA TYR D 101 13.54 29.25 0.47
C TYR D 101 13.71 30.61 1.12
N GLN D 102 13.96 30.67 2.43
CA GLN D 102 14.31 31.93 3.06
C GLN D 102 15.60 32.50 2.48
N GLU D 103 16.56 31.62 2.17
CA GLU D 103 17.80 32.08 1.54
C GLU D 103 17.54 32.50 0.09
N PHE D 104 16.68 31.77 -0.62
CA PHE D 104 16.26 32.21 -1.95
C PHE D 104 15.75 33.64 -1.92
N ALA D 105 14.87 33.93 -0.95
CA ALA D 105 14.25 35.25 -0.89
C ALA D 105 15.29 36.33 -0.60
N ARG D 106 16.21 36.06 0.33
CA ARG D 106 17.22 37.05 0.66
C ARG D 106 18.09 37.36 -0.55
N GLN D 107 18.40 36.36 -1.37
CA GLN D 107 19.21 36.60 -2.56
C GLN D 107 18.42 37.29 -3.67
N ILE D 108 17.13 37.02 -3.77
CA ILE D 108 16.30 37.73 -4.75
C ILE D 108 16.25 39.22 -4.43
N GLY D 109 15.94 39.54 -3.18
CA GLY D 109 15.88 40.94 -2.76
C GLY D 109 14.48 41.52 -2.84
N GLU D 110 14.24 42.51 -1.99
CA GLU D 110 12.93 43.14 -1.91
C GLU D 110 12.48 43.66 -3.28
N ALA D 111 13.34 44.43 -3.95
CA ALA D 111 12.94 45.10 -5.18
C ALA D 111 12.60 44.08 -6.27
N ARG D 112 13.45 43.07 -6.46
CA ARG D 112 13.19 42.10 -7.51
C ARG D 112 11.99 41.23 -7.16
N MET D 113 11.85 40.85 -5.88
CA MET D 113 10.66 40.09 -5.48
C MET D 113 9.40 40.88 -5.78
N SER D 114 9.37 42.16 -5.40
CA SER D 114 8.20 42.99 -5.60
C SER D 114 7.84 43.12 -7.08
N LYS D 115 8.85 43.42 -7.91
CA LYS D 115 8.59 43.57 -9.34
C LYS D 115 8.01 42.29 -9.94
N MET D 116 8.53 41.13 -9.55
CA MET D 116 8.08 39.89 -10.16
C MET D 116 6.65 39.55 -9.76
N LEU D 117 6.29 39.74 -8.50
CA LEU D 117 4.93 39.41 -8.07
C LEU D 117 3.90 40.32 -8.73
N HIS D 118 4.26 41.56 -9.03
CA HIS D 118 3.35 42.39 -9.83
C HIS D 118 3.26 41.86 -11.25
N ALA D 119 4.40 41.49 -11.83
CA ALA D 119 4.39 40.90 -13.16
C ALA D 119 3.55 39.62 -13.19
N PHE D 120 3.60 38.84 -12.11
CA PHE D 120 2.78 37.64 -11.99
C PHE D 120 1.31 37.93 -11.68
N ASP D 121 0.97 39.17 -11.35
CA ASP D 121 -0.40 39.51 -10.93
C ASP D 121 -0.83 38.61 -9.77
N TYR D 122 0.10 38.39 -8.84
CA TYR D 122 -0.05 37.37 -7.80
C TYR D 122 -0.69 37.99 -6.57
N GLY D 123 -1.90 37.57 -6.25
CA GLY D 123 -2.56 38.04 -5.04
C GLY D 123 -2.62 39.55 -4.99
N ASN D 124 -2.41 40.08 -3.78
CA ASN D 124 -2.37 41.52 -3.58
C ASN D 124 -1.00 42.13 -3.85
N GLU D 125 -0.01 41.34 -4.28
CA GLU D 125 1.28 41.86 -4.73
C GLU D 125 2.03 42.62 -3.63
N ASP D 126 1.71 42.36 -2.37
CA ASP D 126 2.24 43.10 -1.23
C ASP D 126 3.24 42.22 -0.49
N ILE D 127 4.52 42.60 -0.51
CA ILE D 127 5.57 41.85 0.18
C ILE D 127 5.97 42.51 1.50
N SER D 128 5.15 43.42 2.02
CA SER D 128 5.48 44.12 3.25
C SER D 128 5.85 43.15 4.36
N GLY D 129 6.90 43.49 5.11
CA GLY D 129 7.45 42.63 6.13
C GLY D 129 8.88 42.24 5.83
N ASN D 130 9.35 41.16 6.44
CA ASN D 130 10.71 40.68 6.20
C ASN D 130 10.77 39.94 4.87
N VAL D 131 11.77 40.29 4.06
CA VAL D 131 11.92 39.69 2.73
C VAL D 131 11.97 38.18 2.82
N ASP D 132 12.43 37.65 3.96
CA ASP D 132 12.66 36.22 4.13
C ASP D 132 11.52 35.52 4.87
N SER D 133 10.41 36.21 5.12
CA SER D 133 9.28 35.58 5.81
C SER D 133 7.93 36.19 5.48
N PHE D 134 7.84 37.11 4.51
CA PHE D 134 6.58 37.83 4.31
C PHE D 134 5.45 36.90 3.91
N TRP D 135 5.75 35.80 3.22
CA TRP D 135 4.70 34.85 2.85
C TRP D 135 4.19 34.03 4.02
N LEU D 136 4.83 34.15 5.19
CA LEU D 136 4.41 33.47 6.41
C LEU D 136 3.85 34.41 7.46
N ASP D 137 4.36 35.64 7.56
CA ASP D 137 3.87 36.58 8.56
C ASP D 137 3.89 38.02 8.06
N GLY D 138 3.96 38.24 6.76
CA GLY D 138 3.94 39.55 6.16
C GLY D 138 2.56 39.93 5.67
N GLY D 139 2.52 40.74 4.61
CA GLY D 139 1.28 41.32 4.15
C GLY D 139 0.72 40.77 2.86
N ILE D 140 1.35 39.74 2.30
CA ILE D 140 0.88 39.17 1.04
C ILE D 140 -0.34 38.29 1.32
N ARG D 141 -1.38 38.45 0.50
CA ARG D 141 -2.63 37.71 0.65
C ARG D 141 -3.08 37.22 -0.72
N ILE D 142 -3.70 36.05 -0.75
CA ILE D 142 -4.17 35.46 -2.01
C ILE D 142 -5.33 34.54 -1.71
N SER D 143 -6.34 34.55 -2.58
CA SER D 143 -7.52 33.72 -2.46
C SER D 143 -7.37 32.46 -3.30
N ALA D 144 -8.30 31.52 -3.08
CA ALA D 144 -8.28 30.27 -3.83
C ALA D 144 -8.45 30.52 -5.32
N THR D 145 -9.40 31.38 -5.69
CA THR D 145 -9.60 31.68 -7.11
C THR D 145 -8.40 32.39 -7.72
N GLU D 146 -7.70 33.21 -6.94
CA GLU D 146 -6.50 33.85 -7.46
C GLU D 146 -5.35 32.86 -7.66
N GLN D 147 -5.27 31.84 -6.81
CA GLN D 147 -4.31 30.76 -7.01
C GLN D 147 -4.54 30.07 -8.35
N ILE D 148 -5.80 29.76 -8.66
CA ILE D 148 -6.13 29.12 -9.93
C ILE D 148 -5.73 30.03 -11.07
N SER D 149 -6.07 31.32 -10.98
CA SER D 149 -5.70 32.25 -12.03
C SER D 149 -4.19 32.24 -12.26
N PHE D 150 -3.41 32.22 -11.18
CA PHE D 150 -1.95 32.15 -11.29
C PHE D 150 -1.51 30.80 -11.86
N LEU D 151 -2.08 29.70 -11.36
CA LEU D 151 -1.67 28.38 -11.81
C LEU D 151 -1.97 28.18 -13.30
N ARG D 152 -3.12 28.67 -13.77
CA ARG D 152 -3.47 28.53 -15.18
C ARG D 152 -2.42 29.19 -16.07
N LYS D 153 -1.89 30.35 -15.64
CA LYS D 153 -0.83 30.99 -16.40
C LYS D 153 0.45 30.15 -16.39
N LEU D 154 0.79 29.57 -15.24
CA LEU D 154 1.94 28.69 -15.18
C LEU D 154 1.79 27.49 -16.12
N TYR D 155 0.60 26.87 -16.13
CA TYR D 155 0.38 25.70 -16.97
C TYR D 155 0.62 26.01 -18.44
N HIS D 156 0.18 27.19 -18.90
CA HIS D 156 0.31 27.59 -20.29
C HIS D 156 1.61 28.33 -20.59
N ASN D 157 2.54 28.38 -19.63
CA ASN D 157 3.83 29.04 -19.82
C ASN D 157 3.66 30.53 -20.13
N LYS D 158 2.63 31.15 -19.53
CA LYS D 158 2.32 32.55 -19.83
C LYS D 158 2.87 33.54 -18.81
N LEU D 159 3.45 33.06 -17.71
CA LEU D 159 4.06 33.98 -16.76
C LEU D 159 5.31 34.61 -17.37
N HIS D 160 5.68 35.77 -16.83
CA HIS D 160 6.80 36.57 -17.37
C HIS D 160 8.13 36.10 -16.80
N VAL D 161 8.41 34.81 -17.03
CA VAL D 161 9.72 34.22 -16.84
C VAL D 161 9.95 33.27 -18.00
N SER D 162 11.15 32.70 -18.08
CA SER D 162 11.49 31.82 -19.19
C SER D 162 10.58 30.60 -19.19
N GLU D 163 10.36 30.05 -20.38
CA GLU D 163 9.67 28.77 -20.47
C GLU D 163 10.38 27.70 -19.65
N ARG D 164 11.72 27.71 -19.68
CA ARG D 164 12.50 26.74 -18.92
C ARG D 164 12.18 26.83 -17.44
N SER D 165 12.18 28.05 -16.88
CA SER D 165 11.88 28.22 -15.46
C SER D 165 10.53 27.62 -15.12
N GLN D 166 9.53 27.83 -15.98
CA GLN D 166 8.20 27.32 -15.70
C GLN D 166 8.13 25.81 -15.83
N ARG D 167 8.91 25.22 -16.76
CA ARG D 167 8.93 23.76 -16.88
C ARG D 167 9.60 23.12 -15.67
N ILE D 168 10.67 23.73 -15.16
CA ILE D 168 11.35 23.17 -14.00
C ILE D 168 10.42 23.19 -12.78
N VAL D 169 9.73 24.31 -12.56
CA VAL D 169 8.86 24.40 -11.40
C VAL D 169 7.69 23.42 -11.52
N LYS D 170 7.14 23.26 -12.73
CA LYS D 170 6.07 22.28 -12.91
C LYS D 170 6.57 20.86 -12.68
N GLN D 171 7.82 20.58 -13.03
CA GLN D 171 8.42 19.30 -12.67
C GLN D 171 8.49 19.13 -11.16
N ALA D 172 8.96 20.17 -10.46
CA ALA D 172 9.10 20.10 -9.02
C ALA D 172 7.76 19.98 -8.31
N MET D 173 6.67 20.44 -8.94
CA MET D 173 5.34 20.31 -8.36
C MET D 173 4.77 18.90 -8.49
N LEU D 174 5.46 18.00 -9.17
CA LEU D 174 4.93 16.66 -9.38
C LEU D 174 4.68 15.98 -8.04
N THR D 175 3.42 15.59 -7.82
CA THR D 175 2.99 14.97 -6.57
C THR D 175 2.50 13.54 -6.74
N GLU D 176 1.74 13.25 -7.78
CA GLU D 176 1.15 11.92 -7.96
C GLU D 176 0.94 11.68 -9.44
N ALA D 177 1.11 10.42 -9.85
CA ALA D 177 0.89 10.06 -11.25
C ALA D 177 0.60 8.57 -11.36
N ASN D 178 -0.35 8.25 -12.23
CA ASN D 178 -0.67 6.86 -12.55
C ASN D 178 -1.30 6.84 -13.95
N GLY D 179 -1.88 5.70 -14.32
CA GLY D 179 -2.51 5.57 -15.62
C GLY D 179 -3.79 6.37 -15.77
N ASP D 180 -4.33 6.91 -14.68
CA ASP D 180 -5.58 7.66 -14.73
C ASP D 180 -5.39 9.17 -14.71
N TYR D 181 -4.36 9.69 -14.03
CA TYR D 181 -4.23 11.13 -13.90
C TYR D 181 -2.83 11.48 -13.40
N ILE D 182 -2.48 12.75 -13.56
CA ILE D 182 -1.28 13.35 -12.98
C ILE D 182 -1.71 14.53 -12.13
N ILE D 183 -1.14 14.67 -10.94
CA ILE D 183 -1.39 15.81 -10.07
C ILE D 183 -0.07 16.57 -9.87
N ARG D 184 -0.09 17.86 -10.20
CA ARG D 184 0.98 18.78 -9.85
C ARG D 184 0.41 19.83 -8.90
N ALA D 185 1.00 19.95 -7.72
CA ALA D 185 0.39 20.76 -6.66
C ALA D 185 1.46 21.15 -5.64
N LYS D 186 1.03 21.95 -4.66
CA LYS D 186 1.89 22.38 -3.58
C LYS D 186 1.02 22.59 -2.34
N THR D 187 1.46 22.04 -1.22
CA THR D 187 0.78 22.19 0.05
C THR D 187 1.20 23.48 0.74
N GLY D 188 0.40 23.89 1.71
CA GLY D 188 0.72 25.06 2.52
C GLY D 188 0.14 24.91 3.91
N TYR D 189 0.82 25.49 4.90
CA TYR D 189 0.39 25.40 6.29
C TYR D 189 0.70 26.73 6.97
N SER D 190 -0.35 27.51 7.24
CA SER D 190 -0.21 28.85 7.80
C SER D 190 -0.55 28.80 9.29
N THR D 191 0.43 29.15 10.12
CA THR D 191 0.28 29.07 11.57
C THR D 191 0.68 30.33 12.30
N ARG D 192 1.33 31.30 11.63
CA ARG D 192 1.86 32.47 12.29
C ARG D 192 0.88 33.63 12.39
N ILE D 193 -0.27 33.55 11.74
CA ILE D 193 -1.33 34.55 11.89
C ILE D 193 -2.66 33.83 11.83
N GLU D 194 -3.59 34.26 12.68
CA GLU D 194 -4.88 33.59 12.67
C GLU D 194 -5.69 34.08 11.48
N PRO D 195 -6.57 33.22 10.92
CA PRO D 195 -6.82 31.83 11.32
C PRO D 195 -5.78 30.87 10.74
N LYS D 196 -5.37 29.88 11.52
CA LYS D 196 -4.48 28.86 10.99
C LYS D 196 -5.23 28.05 9.95
N ILE D 197 -4.60 27.84 8.80
CA ILE D 197 -5.24 27.14 7.69
C ILE D 197 -4.21 26.27 6.98
N GLY D 198 -4.72 25.31 6.23
CA GLY D 198 -3.90 24.53 5.31
C GLY D 198 -4.32 24.82 3.88
N TRP D 199 -3.34 24.77 2.97
CA TRP D 199 -3.57 24.93 1.54
C TRP D 199 -3.26 23.63 0.82
N TRP D 200 -3.95 23.41 -0.31
CA TRP D 200 -3.46 22.52 -1.35
C TRP D 200 -3.95 23.09 -2.67
N VAL D 201 -3.01 23.41 -3.56
CA VAL D 201 -3.32 24.06 -4.83
C VAL D 201 -2.51 23.37 -5.93
N GLY D 202 -3.13 23.23 -7.10
CA GLY D 202 -2.48 22.61 -8.24
C GLY D 202 -3.45 22.29 -9.35
N TRP D 203 -3.24 21.18 -10.05
CA TRP D 203 -4.16 20.79 -11.11
C TRP D 203 -4.06 19.30 -11.36
N VAL D 204 -5.09 18.77 -12.03
CA VAL D 204 -5.20 17.36 -12.37
C VAL D 204 -5.16 17.25 -13.89
N GLU D 205 -4.14 16.55 -14.41
CA GLU D 205 -4.02 16.35 -15.84
C GLU D 205 -4.70 15.06 -16.25
N LEU D 206 -5.59 15.15 -17.23
CA LEU D 206 -6.23 14.01 -17.85
C LEU D 206 -5.79 13.94 -19.30
N ASP D 207 -6.16 12.83 -19.96
CA ASP D 207 -5.78 12.63 -21.35
C ASP D 207 -6.18 13.82 -22.23
N ASP D 208 -7.36 14.40 -22.00
CA ASP D 208 -7.86 15.43 -22.90
C ASP D 208 -8.49 16.60 -22.13
N ASN D 209 -8.07 16.83 -20.89
CA ASN D 209 -8.56 17.97 -20.14
C ASN D 209 -7.63 18.19 -18.96
N VAL D 210 -7.78 19.36 -18.33
CA VAL D 210 -7.06 19.71 -17.12
C VAL D 210 -8.04 20.32 -16.14
N TRP D 211 -7.98 19.88 -14.88
CA TRP D 211 -8.79 20.43 -13.80
C TRP D 211 -7.86 21.11 -12.81
N PHE D 212 -7.92 22.44 -12.76
CA PHE D 212 -7.18 23.19 -11.75
C PHE D 212 -7.96 23.17 -10.44
N PHE D 213 -7.24 23.20 -9.32
CA PHE D 213 -7.88 23.19 -8.02
C PHE D 213 -7.13 24.08 -7.04
N ALA D 214 -7.88 24.60 -6.07
CA ALA D 214 -7.30 25.35 -4.96
C ALA D 214 -8.21 25.17 -3.77
N MET D 215 -7.64 24.74 -2.65
CA MET D 215 -8.42 24.53 -1.44
C MET D 215 -7.66 25.10 -0.24
N ASN D 216 -8.42 25.63 0.71
CA ASN D 216 -7.89 25.91 2.03
C ASN D 216 -8.93 25.48 3.07
N MET D 217 -8.46 25.24 4.29
CA MET D 217 -9.33 24.75 5.35
C MET D 217 -8.76 25.16 6.69
N ASP D 218 -9.66 25.39 7.65
CA ASP D 218 -9.23 25.69 9.01
C ASP D 218 -8.38 24.54 9.55
N MET D 219 -7.24 24.88 10.15
CA MET D 219 -6.25 23.89 10.58
C MET D 219 -5.77 24.23 11.98
N PRO D 220 -6.63 24.02 12.99
CA PRO D 220 -6.22 24.34 14.36
C PRO D 220 -5.05 23.51 14.88
N THR D 221 -4.85 22.31 14.34
CA THR D 221 -3.75 21.46 14.78
C THR D 221 -3.09 20.83 13.57
N SER D 222 -1.80 20.51 13.73
CA SER D 222 -1.09 19.78 12.68
C SER D 222 -1.66 18.40 12.45
N ASP D 223 -2.60 17.95 13.28
CA ASP D 223 -3.12 16.59 13.19
C ASP D 223 -4.02 16.39 11.97
N GLY D 224 -4.63 17.46 11.46
CA GLY D 224 -5.55 17.36 10.34
C GLY D 224 -4.95 17.66 8.99
N LEU D 225 -3.62 17.74 8.87
CA LEU D 225 -3.02 18.16 7.61
C LEU D 225 -3.38 17.22 6.46
N GLY D 226 -3.45 15.92 6.75
CA GLY D 226 -3.82 14.95 5.73
C GLY D 226 -5.18 15.20 5.12
N LEU D 227 -6.03 15.98 5.79
CA LEU D 227 -7.37 16.25 5.30
C LEU D 227 -7.37 17.15 4.08
N ARG D 228 -6.30 17.94 3.89
CA ARG D 228 -6.20 18.78 2.70
C ARG D 228 -6.34 17.95 1.44
N GLN D 229 -5.62 16.84 1.35
CA GLN D 229 -5.68 16.00 0.17
C GLN D 229 -6.89 15.06 0.20
N ALA D 230 -7.23 14.54 1.37
CA ALA D 230 -8.37 13.63 1.47
C ALA D 230 -9.65 14.31 1.00
N ILE D 231 -9.91 15.51 1.49
CA ILE D 231 -11.14 16.21 1.14
C ILE D 231 -11.15 16.58 -0.34
N THR D 232 -10.01 17.06 -0.86
CA THR D 232 -9.94 17.41 -2.27
C THR D 232 -10.22 16.21 -3.16
N LYS D 233 -9.71 15.03 -2.78
CA LYS D 233 -9.92 13.86 -3.62
C LYS D 233 -11.34 13.33 -3.51
N GLU D 234 -11.98 13.51 -2.36
CA GLU D 234 -13.40 13.18 -2.24
C GLU D 234 -14.22 14.01 -3.23
N VAL D 235 -13.89 15.29 -3.37
CA VAL D 235 -14.60 16.14 -4.33
C VAL D 235 -14.32 15.69 -5.75
N LEU D 236 -13.05 15.40 -6.07
CA LEU D 236 -12.71 14.99 -7.43
C LEU D 236 -13.40 13.67 -7.78
N LYS D 237 -13.45 12.74 -6.83
CA LYS D 237 -14.14 11.47 -7.07
C LYS D 237 -15.63 11.69 -7.30
N GLN D 238 -16.28 12.48 -6.42
CA GLN D 238 -17.70 12.73 -6.58
C GLN D 238 -18.01 13.31 -7.96
N GLU D 239 -17.16 14.21 -8.44
CA GLU D 239 -17.37 14.84 -9.74
C GLU D 239 -16.86 13.99 -10.89
N LYS D 240 -16.45 12.76 -10.62
CA LYS D 240 -16.03 11.82 -11.66
C LYS D 240 -14.80 12.34 -12.42
N ILE D 241 -13.98 13.14 -11.74
CA ILE D 241 -12.73 13.62 -12.34
C ILE D 241 -11.64 12.57 -12.21
N ILE D 242 -11.57 11.89 -11.08
CA ILE D 242 -10.68 10.75 -10.89
C ILE D 242 -11.53 9.56 -10.48
N PRO D 243 -11.06 8.33 -10.72
CA PRO D 243 -11.88 7.19 -10.34
C PRO D 243 -12.12 7.14 -8.83
N Q92 E . -31.94 -17.54 4.96
C Q92 E . -23.21 -17.07 3.36
O Q92 E . -22.10 -16.65 2.96
C1 Q92 E . -24.42 -16.19 3.11
C10 Q92 E . -32.05 -18.36 5.99
C11 Q92 E . -30.98 -18.80 6.75
C12 Q92 E . -29.72 -18.39 6.41
C13 Q92 E . -29.54 -17.52 5.31
C14 Q92 E . -28.27 -17.05 4.90
C15 Q92 E . -25.66 -16.55 3.60
C2 Q92 E . -24.30 -15.03 2.35
C3 Q92 E . -25.40 -14.24 2.10
C4 Q92 E . -26.64 -14.60 2.61
C5 Q92 E . -26.79 -15.77 3.35
C6 Q92 E . -28.13 -16.21 3.81
C7 Q92 E . -29.29 -15.81 3.13
C8 Q92 E . -30.53 -16.24 3.51
C9 Q92 E . -30.68 -17.11 4.61
O1 Q92 E . -23.39 -18.16 3.95
H5 Q92 E . -33.06 -18.66 6.23
H6 Q92 E . -31.14 -19.48 7.59
H7 Q92 E . -28.85 -18.73 6.98
H8 Q92 E . -27.38 -17.36 5.46
H9 Q92 E . -25.75 -17.46 4.20
H Q92 E . -23.32 -14.75 1.96
H1 Q92 E . -25.29 -13.33 1.52
H2 Q92 E . -27.50 -13.96 2.41
H3 Q92 E . -29.19 -15.13 2.28
H4 Q92 E . -31.42 -15.92 2.96
CL CL F . -4.93 -12.57 12.54
C1 EDO G . -15.31 -11.52 15.75
O1 EDO G . -15.97 -12.46 16.63
C2 EDO G . -15.75 -10.08 16.05
O2 EDO G . -14.89 -9.11 15.43
H11 EDO G . -14.23 -11.60 15.87
H12 EDO G . -15.55 -11.77 14.71
HO1 EDO G . -15.68 -13.35 16.42
H21 EDO G . -16.78 -9.94 15.71
H22 EDO G . -15.74 -9.93 17.13
HO2 EDO G . -15.20 -8.22 15.64
C1 EDO H . 0.87 -18.31 9.39
O1 EDO H . 2.13 -17.97 8.79
C2 EDO H . 0.85 -19.78 9.77
O2 EDO H . 0.90 -20.58 8.57
H11 EDO H . 0.72 -17.69 10.28
H12 EDO H . 0.06 -18.09 8.69
HO1 EDO H . 2.14 -17.04 8.55
H21 EDO H . 1.71 -20.01 10.41
H22 EDO H . -0.07 -20.00 10.32
HO2 EDO H . 0.88 -21.52 8.81
N Q92 I . 7.74 -27.04 33.69
C Q92 I . 4.67 -19.66 29.81
O Q92 I . 4.65 -18.56 29.22
C1 Q92 I . 5.99 -20.38 29.89
C10 Q92 I . 6.71 -27.88 33.72
C11 Q92 I . 5.51 -27.67 33.05
C12 Q92 I . 5.37 -26.55 32.30
C13 Q92 I . 6.43 -25.62 32.21
C14 Q92 I . 6.36 -24.43 31.45
C15 Q92 I . 6.09 -21.60 30.55
C2 Q92 I . 7.14 -19.82 29.32
C3 Q92 I . 8.35 -20.48 29.40
C4 Q92 I . 8.43 -21.69 30.05
C5 Q92 I . 7.31 -22.27 30.64
C6 Q92 I . 7.42 -23.54 31.41
C7 Q92 I . 8.57 -23.85 32.13
C8 Q92 I . 8.69 -24.99 32.86
C9 Q92 I . 7.61 -25.90 32.93
O1 Q92 I . 3.67 -20.21 30.34
H5 Q92 I . 6.86 -28.77 34.34
H6 Q92 I . 4.71 -28.41 33.13
H7 Q92 I . 4.44 -26.36 31.76
H8 Q92 I . 5.45 -24.21 30.91
H9 Q92 I . 5.19 -22.03 30.99
H Q92 I . 7.05 -18.86 28.81
H1 Q92 I . 9.23 -20.05 28.94
H2 Q92 I . 9.39 -22.20 30.11
H3 Q92 I . 9.42 -23.15 32.09
H4 Q92 I . 9.59 -25.21 33.42
N Q92 J . -2.59 -7.18 -29.01
C Q92 J . 3.45 -1.59 -25.75
O Q92 J . 4.54 -0.96 -25.73
C1 Q92 J . 2.79 -1.79 -27.08
C10 Q92 J . -3.46 -7.40 -28.04
C11 Q92 J . -3.53 -6.65 -26.88
C12 Q92 J . -2.66 -5.62 -26.70
C13 Q92 J . -1.71 -5.33 -27.70
C14 Q92 J . -0.76 -4.27 -27.61
C15 Q92 J . 1.78 -2.74 -27.22
C2 Q92 J . 3.18 -1.04 -28.20
C3 Q92 J . 2.58 -1.25 -29.42
C4 Q92 J . 1.58 -2.20 -29.55
C5 Q92 J . 1.17 -2.96 -28.46
C6 Q92 J . 0.15 -4.03 -28.61
C7 Q92 J . 0.13 -4.84 -29.75
C8 Q92 J . -0.77 -5.86 -29.88
C9 Q92 J . -1.71 -6.13 -28.86
O1 Q92 J . 2.89 -2.07 -24.74
H5 Q92 J . -4.13 -8.23 -28.21
H6 Q92 J . -4.27 -6.89 -26.11
H7 Q92 J . -2.69 -5.01 -25.80
H8 Q92 J . -0.78 -3.65 -26.72
H9 Q92 J . 1.46 -3.31 -26.35
H Q92 J . 3.97 -0.30 -28.08
H1 Q92 J . 2.89 -0.66 -30.28
H2 Q92 J . 1.12 -2.35 -30.53
H3 Q92 J . 0.84 -4.65 -30.54
H4 Q92 J . -0.77 -6.49 -30.77
CL CL K . 7.36 16.05 -14.99
C1 EDO L . 10.57 11.00 -5.04
O1 EDO L . 9.29 11.24 -4.42
C2 EDO L . 11.25 12.34 -5.37
O2 EDO L . 12.16 12.71 -4.34
H11 EDO L . 11.21 10.43 -4.35
H12 EDO L . 10.45 10.41 -5.95
HO1 EDO L . 8.87 10.39 -4.21
H21 EDO L . 11.79 12.25 -6.32
H22 EDO L . 10.48 13.11 -5.48
HO2 EDO L . 12.57 13.56 -4.57
N Q92 M . 4.22 20.28 12.98
C Q92 M . 2.87 22.01 4.43
O Q92 M . 2.74 22.71 3.39
C1 Q92 M . 3.87 22.48 5.47
C10 Q92 M . 3.81 19.03 13.15
C11 Q92 M . 3.53 18.15 12.11
C12 Q92 M . 3.69 18.58 10.84
C13 Q92 M . 4.13 19.89 10.58
C14 Q92 M . 4.29 20.43 9.29
C15 Q92 M . 3.85 21.90 6.74
C2 Q92 M . 4.79 23.47 5.17
C3 Q92 M . 5.70 23.87 6.14
C4 Q92 M . 5.69 23.30 7.40
C5 Q92 M . 4.76 22.32 7.72
C6 Q92 M . 4.69 21.74 9.09
C7 Q92 M . 4.95 22.54 10.21
C8 Q92 M . 4.81 22.06 11.48
C9 Q92 M . 4.39 20.72 11.70
O1 Q92 M . 2.23 20.96 4.66
H5 Q92 M . 3.69 18.72 14.19
H6 Q92 M . 3.20 17.14 12.33
H7 Q92 M . 3.49 17.92 9.99
H8 Q92 M . 4.09 19.79 8.43
H9 Q92 M . 3.12 21.13 6.96
H Q92 M . 4.79 23.92 4.18
H1 Q92 M . 6.43 24.64 5.90
H2 Q92 M . 6.41 23.62 8.14
H3 Q92 M . 5.28 23.56 10.06
H4 Q92 M . 5.02 22.69 12.34
#